data_3PPG
#
_entry.id   3PPG
#
_cell.length_a   77.194
_cell.length_b   99.217
_cell.length_c   100.823
_cell.angle_alpha   90.00
_cell.angle_beta   90.00
_cell.angle_gamma   90.00
#
_symmetry.space_group_name_H-M   'P 21 21 21'
#
loop_
_entity.id
_entity.type
_entity.pdbx_description
1 polymer '5-methyltetrahydropteroyltriglutamate--homocysteine methyltransferase'
2 non-polymer 'ZINC ION'
3 water water
#
_entity_poly.entity_id   1
_entity_poly.type   'polypeptide(L)'
_entity_poly.pdbx_seq_one_letter_code
;MHHHHHHSSGVDLGTENLYFQSMVQSSVLGFPRIGGQRELKKITEAYWSGKATVEELLAKGKELREHNWKLQQKAGVDII
PSNDFSYYDQVLDLSLLFNAIPERYTKFDLAPIDVLFAMGRGLQAAATATQAAVDVTALEMVKWFDSNYHYVRPTFSHST
EFKLNTAAGIKPVDEFNEAKALGVQTRPVILGPVSYLYLGKADKDSLDLEPISLLPKILPVYKELLQKLKEAGAEQVQID
EPVLVLDLPEAVQSKFKEAYDALVGADVPELILTTYFGDVRPNLKAIENLPVAGFHFDFVRVPEQLDEVASILKDGQTLS
AGVVDGRNIWKTDFAKASAVVQKAIEKVGKDKVVVATSSSLLHTPVDLESETKLDAVIKDWFSFATQKLDEVVVIAKNVS
GEDVSKQLEANAASIKARSESSITNDPKVQERLTTINEALATRKAAFPERLTEQKAKYNLPLFPTTTIGSFPQTKDIRIN
RNKFAKGQITAEEYEAFINKEIETVVRFQEEIGLDVLVHGEPERNDMVQYFGEQLNGFAFTTNGWVQSYGSRYVRPPIIV
GDVSRPKAMTVKESVYAQSITSKPMKGMLTGPVTILRWSFPRDDVSGKIQALQLGLALRDEVNDLEGAGITVIQVDEPAI
REGLPLRAGKERSDYLNWAAQSFRVATSGVENSTQIHSHFCYSDLDPNHIKALDADVVSIEFSKKDDPNYIQEFSEYPNH
IGLGLFDIHSPRIPSKQEFVSRIEEILKVYPASKFWVNPDCGLKTRGWPEVKESLTNMVEAAKEFRAKY
;
_entity_poly.pdbx_strand_id   A
#
loop_
_chem_comp.id
_chem_comp.type
_chem_comp.name
_chem_comp.formula
ZN non-polymer 'ZINC ION' 'Zn 2'
#
# COMPACT_ATOMS: atom_id res chain seq x y z
N MET A 23 28.75 16.69 16.59
CA MET A 23 28.00 17.93 16.80
C MET A 23 26.56 17.82 16.28
N VAL A 24 26.39 17.66 14.96
CA VAL A 24 25.07 17.46 14.39
C VAL A 24 24.56 16.04 14.64
N GLN A 25 23.39 15.92 15.25
CA GLN A 25 22.85 14.63 15.64
C GLN A 25 22.17 13.88 14.51
N SER A 26 22.09 12.55 14.66
CA SER A 26 21.33 11.70 13.73
C SER A 26 20.08 11.13 14.40
N SER A 27 19.07 10.82 13.58
CA SER A 27 17.74 10.51 14.10
C SER A 27 17.01 9.52 13.20
N VAL A 28 16.30 8.60 13.85
CA VAL A 28 15.55 7.59 13.12
C VAL A 28 14.10 7.69 13.57
N LEU A 29 13.16 7.81 12.62
CA LEU A 29 11.76 8.11 12.99
C LEU A 29 10.98 6.88 13.43
N GLY A 30 11.53 5.70 13.16
CA GLY A 30 10.84 4.45 13.47
C GLY A 30 11.56 3.30 12.80
N PHE A 31 11.46 2.11 13.37
CA PHE A 31 12.18 0.96 12.82
C PHE A 31 11.18 -0.16 12.53
N PRO A 32 11.33 -0.85 11.38
CA PRO A 32 10.38 -1.93 11.10
C PRO A 32 10.43 -2.95 12.24
N ARG A 33 9.29 -3.47 12.66
CA ARG A 33 9.24 -4.33 13.85
C ARG A 33 9.08 -5.83 13.56
N ILE A 34 8.99 -6.20 12.29
CA ILE A 34 8.63 -7.57 11.91
C ILE A 34 9.72 -8.60 12.22
N GLY A 35 10.95 -8.15 12.35
CA GLY A 35 12.06 -9.06 12.62
C GLY A 35 12.74 -9.53 11.35
N GLY A 36 14.07 -9.63 11.40
CA GLY A 36 14.84 -10.06 10.24
C GLY A 36 14.45 -11.44 9.76
N GLN A 37 13.83 -12.24 10.63
CA GLN A 37 13.39 -13.57 10.23
C GLN A 37 11.86 -13.69 10.28
N ARG A 38 11.17 -12.55 10.19
CA ARG A 38 9.71 -12.51 10.30
C ARG A 38 9.23 -13.10 11.63
N GLU A 39 10.03 -12.94 12.68
CA GLU A 39 9.69 -13.45 14.01
C GLU A 39 8.33 -12.94 14.50
N LEU A 40 8.01 -11.68 14.18
CA LEU A 40 6.80 -11.08 14.72
C LEU A 40 5.57 -11.78 14.14
N LYS A 41 5.63 -12.08 12.85
CA LYS A 41 4.55 -12.80 12.17
C LYS A 41 4.37 -14.16 12.81
N LYS A 42 5.48 -14.87 13.00
CA LYS A 42 5.41 -16.24 13.52
C LYS A 42 4.76 -16.27 14.91
N ILE A 43 5.22 -15.40 15.80
CA ILE A 43 4.70 -15.42 17.18
C ILE A 43 3.25 -14.88 17.31
N THR A 44 2.89 -13.84 16.56
CA THR A 44 1.52 -13.34 16.65
C THR A 44 0.53 -14.34 16.02
N GLU A 45 0.95 -14.99 14.94
CA GLU A 45 0.09 -15.99 14.33
C GLU A 45 0.00 -17.25 15.19
N ALA A 46 1.05 -17.56 15.95
CA ALA A 46 1.01 -18.70 16.87
C ALA A 46 0.06 -18.38 18.02
N TYR A 47 0.15 -17.15 18.53
CA TYR A 47 -0.73 -16.69 19.58
C TYR A 47 -2.20 -16.78 19.20
N TRP A 48 -2.52 -16.25 18.02
CA TRP A 48 -3.88 -16.26 17.52
C TRP A 48 -4.40 -17.66 17.28
N SER A 49 -3.52 -18.58 16.87
CA SER A 49 -3.96 -19.95 16.63
C SER A 49 -3.91 -20.78 17.91
N GLY A 50 -3.57 -20.15 19.03
CA GLY A 50 -3.57 -20.83 20.31
C GLY A 50 -2.37 -21.73 20.56
N LYS A 51 -1.32 -21.57 19.77
CA LYS A 51 -0.12 -22.39 19.91
C LYS A 51 0.90 -21.78 20.87
N ALA A 52 0.78 -20.48 21.09
CA ALA A 52 1.68 -19.75 21.99
C ALA A 52 0.89 -19.02 23.06
N THR A 53 1.46 -18.90 24.26
CA THR A 53 0.80 -18.17 25.35
C THR A 53 1.05 -16.67 25.23
N VAL A 54 0.25 -15.88 25.94
CA VAL A 54 0.41 -14.43 25.90
C VAL A 54 1.78 -14.06 26.45
N GLU A 55 2.26 -14.84 27.41
CA GLU A 55 3.59 -14.61 27.97
C GLU A 55 4.68 -14.81 26.92
N GLU A 56 4.52 -15.86 26.10
CA GLU A 56 5.47 -16.13 25.03
C GLU A 56 5.39 -15.02 23.99
N LEU A 57 4.18 -14.54 23.75
CA LEU A 57 3.98 -13.41 22.83
C LEU A 57 4.73 -12.19 23.34
N LEU A 58 4.51 -11.85 24.60
CA LEU A 58 5.11 -10.65 25.17
C LEU A 58 6.63 -10.76 25.28
N ALA A 59 7.12 -11.96 25.54
CA ALA A 59 8.56 -12.20 25.62
C ALA A 59 9.24 -11.94 24.27
N LYS A 60 8.58 -12.35 23.20
CA LYS A 60 9.15 -12.17 21.87
C LYS A 60 9.13 -10.71 21.43
N GLY A 61 8.11 -9.97 21.85
CA GLY A 61 8.07 -8.54 21.57
C GLY A 61 9.21 -7.82 22.25
N LYS A 62 9.48 -8.21 23.50
CA LYS A 62 10.56 -7.65 24.26
C LYS A 62 11.91 -7.92 23.59
N GLU A 63 12.10 -9.16 23.14
CA GLU A 63 13.30 -9.57 22.45
C GLU A 63 13.52 -8.72 21.19
N LEU A 64 12.48 -8.58 20.38
CA LEU A 64 12.55 -7.75 19.18
C LEU A 64 12.90 -6.29 19.48
N ARG A 65 12.22 -5.71 20.44
CA ARG A 65 12.46 -4.30 20.75
C ARG A 65 13.89 -4.08 21.22
N GLU A 66 14.36 -4.97 22.07
CA GLU A 66 15.72 -4.89 22.57
C GLU A 66 16.74 -5.03 21.45
N HIS A 67 16.51 -6.00 20.58
CA HIS A 67 17.39 -6.23 19.45
C HIS A 67 17.48 -4.96 18.59
N ASN A 68 16.34 -4.38 18.30
CA ASN A 68 16.28 -3.21 17.42
C ASN A 68 16.85 -1.93 18.06
N TRP A 69 16.64 -1.75 19.36
CA TRP A 69 17.28 -0.64 20.06
C TRP A 69 18.82 -0.75 20.06
N LYS A 70 19.31 -1.95 20.35
CA LYS A 70 20.75 -2.13 20.44
C LYS A 70 21.41 -1.98 19.07
N LEU A 71 20.70 -2.42 18.04
CA LEU A 71 21.13 -2.25 16.66
C LEU A 71 21.35 -0.78 16.34
N GLN A 72 20.38 0.04 16.74
CA GLN A 72 20.42 1.46 16.48
C GLN A 72 21.48 2.14 17.32
N GLN A 73 21.61 1.71 18.57
CA GLN A 73 22.64 2.25 19.43
C GLN A 73 24.03 1.90 18.90
N LYS A 74 24.19 0.66 18.47
CA LYS A 74 25.48 0.19 17.96
C LYS A 74 25.88 0.97 16.71
N ALA A 75 24.90 1.28 15.87
CA ALA A 75 25.15 2.06 14.66
C ALA A 75 25.57 3.49 14.99
N GLY A 76 25.27 3.95 16.19
CA GLY A 76 25.65 5.30 16.59
C GLY A 76 24.57 6.34 16.40
N VAL A 77 23.33 5.90 16.19
CA VAL A 77 22.21 6.82 16.04
C VAL A 77 21.96 7.58 17.35
N ASP A 78 21.83 8.91 17.27
CA ASP A 78 21.65 9.68 18.50
C ASP A 78 20.22 9.63 19.02
N ILE A 79 19.28 9.80 18.13
CA ILE A 79 17.87 9.88 18.49
C ILE A 79 17.14 8.63 18.04
N ILE A 80 16.84 7.77 19.00
CA ILE A 80 16.36 6.41 18.72
C ILE A 80 14.91 6.32 19.21
N PRO A 81 14.00 5.87 18.34
CA PRO A 81 12.57 5.91 18.66
C PRO A 81 12.16 4.81 19.62
N SER A 82 11.11 5.08 20.39
CA SER A 82 10.40 4.04 21.12
C SER A 82 8.90 4.27 20.90
N ASN A 83 8.11 3.25 21.20
CA ASN A 83 6.68 3.20 20.84
C ASN A 83 6.44 2.97 19.34
N ASP A 84 7.50 2.83 18.54
CA ASP A 84 7.33 2.50 17.12
C ASP A 84 7.01 1.01 16.91
N PHE A 85 7.27 0.20 17.93
CA PHE A 85 6.92 -1.22 17.88
C PHE A 85 5.41 -1.40 17.91
N SER A 86 4.91 -2.47 17.32
CA SER A 86 3.50 -2.80 17.48
C SER A 86 3.27 -4.28 17.19
N TYR A 87 2.30 -4.89 17.88
CA TYR A 87 1.90 -6.27 17.56
C TYR A 87 0.95 -6.30 16.36
N TYR A 88 0.46 -5.15 15.94
CA TYR A 88 -0.51 -5.11 14.84
C TYR A 88 -0.52 -3.80 14.05
N ASP A 89 -0.84 -2.70 14.73
CA ASP A 89 -0.78 -1.38 14.11
C ASP A 89 -0.57 -0.25 15.16
N GLN A 90 0.38 0.65 14.94
CA GLN A 90 0.58 1.76 15.87
C GLN A 90 -0.66 2.64 16.07
N VAL A 91 -1.45 2.87 15.02
CA VAL A 91 -2.62 3.74 15.17
C VAL A 91 -3.67 3.06 16.07
N LEU A 92 -3.87 1.77 15.85
CA LEU A 92 -4.71 0.94 16.74
C LEU A 92 -4.18 0.94 18.19
N ASP A 93 -2.87 0.90 18.37
CA ASP A 93 -2.30 0.97 19.72
C ASP A 93 -2.77 2.22 20.45
N LEU A 94 -2.81 3.34 19.72
CA LEU A 94 -3.24 4.62 20.27
C LEU A 94 -4.71 4.58 20.64
N SER A 95 -5.52 3.97 19.77
CA SER A 95 -6.95 3.87 20.03
C SER A 95 -7.21 3.10 21.31
N LEU A 96 -6.46 2.02 21.53
CA LEU A 96 -6.58 1.25 22.76
C LEU A 96 -6.14 2.11 23.95
N LEU A 97 -5.01 2.79 23.79
CA LEU A 97 -4.44 3.62 24.83
C LEU A 97 -5.39 4.74 25.26
N PHE A 98 -6.10 5.34 24.31
CA PHE A 98 -6.99 6.46 24.61
C PHE A 98 -8.45 6.06 24.84
N ASN A 99 -8.73 4.76 24.82
CA ASN A 99 -10.09 4.26 25.05
C ASN A 99 -11.05 4.54 23.90
N ALA A 100 -10.51 4.75 22.71
CA ALA A 100 -11.37 4.84 21.53
C ALA A 100 -11.74 3.41 21.14
N ILE A 101 -12.50 2.76 22.01
CA ILE A 101 -12.86 1.35 21.82
C ILE A 101 -14.37 1.23 21.72
N PRO A 102 -14.88 0.86 20.53
CA PRO A 102 -16.33 0.73 20.39
C PRO A 102 -16.89 -0.31 21.34
N GLU A 103 -18.10 -0.08 21.84
CA GLU A 103 -18.71 -0.92 22.86
C GLU A 103 -18.74 -2.40 22.52
N ARG A 104 -18.98 -2.72 21.25
CA ARG A 104 -19.20 -4.12 20.87
C ARG A 104 -18.00 -5.02 21.13
N TYR A 105 -16.80 -4.44 21.20
CA TYR A 105 -15.59 -5.23 21.43
C TYR A 105 -15.39 -5.55 22.90
N THR A 106 -16.15 -4.87 23.77
CA THR A 106 -15.94 -4.95 25.20
C THR A 106 -16.84 -5.97 25.90
N LYS A 107 -17.58 -6.74 25.11
CA LYS A 107 -18.59 -7.62 25.66
C LYS A 107 -18.20 -9.09 25.75
N PHE A 108 -16.90 -9.37 25.63
CA PHE A 108 -16.47 -10.77 25.58
C PHE A 108 -15.46 -11.18 26.66
N ASP A 109 -15.38 -10.37 27.72
CA ASP A 109 -14.45 -10.62 28.82
C ASP A 109 -13.00 -10.75 28.33
N LEU A 110 -12.66 -10.04 27.25
CA LEU A 110 -11.32 -10.12 26.69
C LEU A 110 -10.40 -9.17 27.40
N ALA A 111 -9.20 -9.66 27.74
CA ALA A 111 -8.13 -8.81 28.22
C ALA A 111 -7.80 -7.73 27.17
N PRO A 112 -7.21 -6.62 27.60
CA PRO A 112 -6.93 -5.50 26.69
C PRO A 112 -6.17 -5.88 25.42
N ILE A 113 -5.20 -6.77 25.51
CA ILE A 113 -4.44 -7.16 24.32
C ILE A 113 -5.34 -7.94 23.36
N ASP A 114 -6.35 -8.62 23.89
CA ASP A 114 -7.29 -9.37 23.06
C ASP A 114 -8.42 -8.50 22.53
N VAL A 115 -8.68 -7.40 23.22
CA VAL A 115 -9.57 -6.38 22.70
C VAL A 115 -8.86 -5.73 21.51
N LEU A 116 -7.57 -5.47 21.69
CA LEU A 116 -6.76 -4.88 20.62
C LEU A 116 -6.85 -5.76 19.38
N PHE A 117 -6.60 -7.05 19.55
CA PHE A 117 -6.65 -7.98 18.44
C PHE A 117 -8.06 -8.15 17.87
N ALA A 118 -9.06 -8.07 18.75
CA ALA A 118 -10.45 -8.16 18.31
C ALA A 118 -10.78 -6.99 17.38
N MET A 119 -10.31 -5.80 17.73
CA MET A 119 -10.53 -4.61 16.92
C MET A 119 -9.79 -4.71 15.58
N GLY A 120 -8.58 -5.26 15.63
CA GLY A 120 -7.74 -5.33 14.45
C GLY A 120 -8.13 -6.41 13.48
N ARG A 121 -8.58 -7.55 13.99
CA ARG A 121 -8.82 -8.71 13.12
C ARG A 121 -10.17 -9.41 13.35
N GLY A 122 -11.05 -8.78 14.12
CA GLY A 122 -12.38 -9.29 14.33
C GLY A 122 -12.41 -10.46 15.30
N LEU A 123 -13.62 -10.92 15.62
CA LEU A 123 -13.79 -11.96 16.62
C LEU A 123 -14.97 -12.87 16.29
N GLN A 124 -14.72 -14.18 16.31
CA GLN A 124 -15.79 -15.15 16.14
C GLN A 124 -16.00 -15.92 17.44
N ALA A 125 -17.23 -16.33 17.71
CA ALA A 125 -17.54 -17.09 18.92
C ALA A 125 -18.70 -18.04 18.70
N ALA A 126 -18.76 -19.11 19.50
CA ALA A 126 -19.78 -20.14 19.35
C ALA A 126 -21.19 -19.58 19.55
N ALA A 127 -22.18 -20.36 19.10
CA ALA A 127 -23.59 -19.96 19.17
C ALA A 127 -24.07 -19.79 20.61
N ALA A 133 -24.59 -16.84 17.85
CA ALA A 133 -23.29 -16.96 17.21
C ALA A 133 -22.71 -15.59 16.92
N VAL A 134 -21.47 -15.37 17.36
CA VAL A 134 -20.84 -14.06 17.25
C VAL A 134 -19.97 -13.92 16.01
N ASP A 135 -20.12 -12.81 15.29
CA ASP A 135 -19.27 -12.51 14.16
C ASP A 135 -18.92 -11.02 14.17
N VAL A 136 -18.06 -10.63 15.09
CA VAL A 136 -17.69 -9.24 15.24
C VAL A 136 -16.61 -8.88 14.23
N THR A 137 -16.92 -7.95 13.34
CA THR A 137 -16.01 -7.59 12.27
C THR A 137 -14.92 -6.64 12.78
N ALA A 138 -13.73 -6.78 12.22
CA ALA A 138 -12.63 -5.89 12.52
C ALA A 138 -12.99 -4.48 12.11
N LEU A 139 -12.35 -3.49 12.74
CA LEU A 139 -12.47 -2.13 12.27
C LEU A 139 -11.89 -2.04 10.87
N GLU A 140 -12.22 -0.96 10.17
CA GLU A 140 -11.81 -0.73 8.80
C GLU A 140 -10.28 -0.58 8.65
N MET A 141 -9.75 -1.18 7.59
CA MET A 141 -8.34 -1.09 7.22
C MET A 141 -8.25 0.03 6.21
N VAL A 142 -7.28 0.93 6.38
CA VAL A 142 -7.16 2.12 5.54
C VAL A 142 -5.71 2.32 5.11
N LYS A 143 -5.48 2.68 3.85
CA LYS A 143 -4.13 3.00 3.41
C LYS A 143 -3.54 4.21 4.17
N TRP A 144 -2.32 4.04 4.68
CA TRP A 144 -1.58 5.12 5.32
C TRP A 144 -0.98 6.02 4.25
N PHE A 145 -1.66 7.12 3.98
CA PHE A 145 -1.25 8.06 2.96
C PHE A 145 -1.01 7.35 1.64
N ASP A 146 0.12 7.59 1.01
CA ASP A 146 0.40 6.90 -0.24
C ASP A 146 1.51 5.87 -0.07
N SER A 147 1.74 5.45 1.17
CA SER A 147 2.64 4.33 1.45
C SER A 147 1.91 3.03 1.16
N ASN A 148 2.60 1.91 1.29
CA ASN A 148 1.91 0.64 1.12
C ASN A 148 1.54 0.01 2.46
N TYR A 149 1.53 0.81 3.51
CA TYR A 149 1.12 0.34 4.82
C TYR A 149 -0.37 0.62 5.02
N HIS A 150 -1.04 -0.18 5.86
CA HIS A 150 -2.44 0.08 6.20
C HIS A 150 -2.65 0.22 7.70
N TYR A 151 -3.41 1.23 8.10
CA TYR A 151 -3.66 1.41 9.52
C TYR A 151 -5.09 1.04 9.83
N VAL A 152 -5.38 0.87 11.11
CA VAL A 152 -6.73 0.56 11.57
C VAL A 152 -7.43 1.87 11.89
N ARG A 153 -8.54 2.13 11.20
CA ARG A 153 -9.23 3.40 11.33
C ARG A 153 -9.70 3.68 12.76
N PRO A 154 -9.26 4.79 13.35
CA PRO A 154 -9.86 5.20 14.63
C PRO A 154 -11.33 5.49 14.42
N THR A 155 -12.16 4.94 15.30
CA THR A 155 -13.59 5.04 15.15
C THR A 155 -14.22 5.60 16.42
N PHE A 156 -14.99 6.68 16.30
CA PHE A 156 -15.52 7.35 17.47
C PHE A 156 -17.04 7.49 17.42
N SER A 157 -17.66 7.53 18.60
CA SER A 157 -19.09 7.78 18.71
C SER A 157 -19.31 9.00 19.61
N HIS A 158 -20.52 9.54 19.63
CA HIS A 158 -20.85 10.64 20.54
C HIS A 158 -20.53 10.29 21.98
N SER A 159 -20.72 9.02 22.30
CA SER A 159 -20.52 8.51 23.65
C SER A 159 -19.06 8.18 23.99
N THR A 160 -18.15 8.34 23.03
CA THR A 160 -16.77 7.96 23.28
C THR A 160 -16.18 8.74 24.45
N GLU A 161 -15.64 8.01 25.43
CA GLU A 161 -15.03 8.64 26.59
C GLU A 161 -13.51 8.45 26.58
N PHE A 162 -12.79 9.43 26.07
CA PHE A 162 -11.34 9.29 25.95
C PHE A 162 -10.73 9.28 27.34
N LYS A 163 -9.81 8.36 27.59
CA LYS A 163 -9.12 8.28 28.87
C LYS A 163 -7.95 7.30 28.78
N LEU A 164 -6.99 7.42 29.69
CA LEU A 164 -5.90 6.44 29.76
C LEU A 164 -6.32 5.22 30.56
N ASN A 165 -6.00 4.03 30.07
CA ASN A 165 -6.27 2.80 30.80
C ASN A 165 -4.99 2.20 31.38
N THR A 166 -4.70 2.53 32.63
CA THR A 166 -3.44 2.16 33.27
C THR A 166 -3.29 0.66 33.55
N ALA A 167 -4.39 -0.02 33.80
CA ALA A 167 -4.35 -1.45 34.11
C ALA A 167 -3.87 -2.26 32.91
N ALA A 168 -4.21 -1.78 31.72
CA ALA A 168 -3.72 -2.40 30.49
C ALA A 168 -2.24 -2.05 30.24
N GLY A 169 -1.62 -1.39 31.21
CA GLY A 169 -0.27 -0.88 31.04
C GLY A 169 -0.29 0.30 30.09
N ILE A 170 0.68 1.20 30.22
CA ILE A 170 0.78 2.35 29.33
C ILE A 170 1.95 2.14 28.38
N LYS A 171 1.64 1.59 27.21
CA LYS A 171 2.65 1.14 26.25
C LYS A 171 3.84 2.11 26.06
N PRO A 172 3.58 3.38 25.68
CA PRO A 172 4.74 4.25 25.42
C PRO A 172 5.63 4.43 26.64
N VAL A 173 5.03 4.42 27.83
CA VAL A 173 5.79 4.58 29.07
C VAL A 173 6.57 3.30 29.36
N ASP A 174 5.89 2.15 29.31
CA ASP A 174 6.54 0.87 29.56
C ASP A 174 7.71 0.63 28.60
N GLU A 175 7.51 0.93 27.33
CA GLU A 175 8.57 0.71 26.34
C GLU A 175 9.73 1.68 26.51
N PHE A 176 9.43 2.93 26.85
CA PHE A 176 10.51 3.87 27.18
C PHE A 176 11.34 3.35 28.35
N ASN A 177 10.66 2.90 29.39
CA ASN A 177 11.36 2.44 30.61
C ASN A 177 12.15 1.17 30.28
N GLU A 178 11.54 0.32 29.46
CA GLU A 178 12.20 -0.89 28.98
C GLU A 178 13.55 -0.55 28.33
N ALA A 179 13.52 0.35 27.33
CA ALA A 179 14.74 0.77 26.65
C ALA A 179 15.72 1.43 27.59
N LYS A 180 15.21 2.28 28.48
CA LYS A 180 16.07 2.96 29.46
C LYS A 180 16.86 1.97 30.32
N ALA A 181 16.18 0.94 30.80
CA ALA A 181 16.83 -0.08 31.62
C ALA A 181 17.94 -0.83 30.87
N LEU A 182 17.90 -0.78 29.55
CA LEU A 182 18.94 -1.40 28.72
C LEU A 182 20.07 -0.42 28.46
N GLY A 183 19.97 0.77 29.02
CA GLY A 183 20.99 1.79 28.82
C GLY A 183 20.78 2.52 27.50
N VAL A 184 19.57 2.48 26.96
CA VAL A 184 19.26 3.22 25.72
C VAL A 184 18.19 4.29 25.92
N GLN A 185 18.60 5.56 25.92
CA GLN A 185 17.62 6.65 25.94
C GLN A 185 16.93 6.75 24.59
N THR A 186 15.61 6.80 24.60
CA THR A 186 14.84 6.85 23.36
C THR A 186 13.92 8.07 23.31
N ARG A 187 13.39 8.34 22.13
CA ARG A 187 12.40 9.39 21.96
C ARG A 187 11.06 8.73 21.62
N PRO A 188 10.12 8.75 22.57
CA PRO A 188 8.80 8.17 22.27
C PRO A 188 8.13 8.80 21.03
N VAL A 189 7.49 7.97 20.22
CA VAL A 189 6.78 8.45 19.04
C VAL A 189 5.28 8.26 19.26
N ILE A 190 4.50 9.33 19.14
CA ILE A 190 3.04 9.22 19.12
C ILE A 190 2.43 10.05 17.99
N LEU A 191 1.41 9.48 17.35
CA LEU A 191 0.58 10.24 16.43
C LEU A 191 -0.09 11.38 17.22
N GLY A 192 0.03 12.61 16.70
CA GLY A 192 -0.52 13.78 17.37
C GLY A 192 -2.04 13.88 17.30
N PRO A 193 -2.63 14.73 18.17
CA PRO A 193 -4.09 14.77 18.32
C PRO A 193 -4.84 15.24 17.06
N VAL A 194 -4.31 16.17 16.28
CA VAL A 194 -5.03 16.62 15.08
C VAL A 194 -5.11 15.50 14.03
N SER A 195 -3.95 14.94 13.67
CA SER A 195 -3.93 13.84 12.71
C SER A 195 -4.74 12.62 13.20
N TYR A 196 -4.61 12.29 14.48
CA TYR A 196 -5.34 11.12 15.02
C TYR A 196 -6.85 11.24 14.82
N LEU A 197 -7.41 12.39 15.16
CA LEU A 197 -8.84 12.61 14.99
C LEU A 197 -9.19 12.71 13.50
N TYR A 198 -8.43 13.51 12.77
CA TYR A 198 -8.75 13.79 11.37
C TYR A 198 -8.69 12.54 10.50
N LEU A 199 -7.86 11.58 10.90
CA LEU A 199 -7.71 10.32 10.16
C LEU A 199 -8.72 9.26 10.60
N GLY A 200 -9.53 9.58 11.59
CA GLY A 200 -10.53 8.65 12.08
C GLY A 200 -11.87 8.90 11.41
N LYS A 201 -12.91 8.20 11.87
CA LYS A 201 -14.24 8.37 11.30
C LYS A 201 -15.32 8.14 12.35
N ALA A 202 -16.50 8.68 12.08
CA ALA A 202 -17.65 8.46 12.93
C ALA A 202 -18.14 7.03 12.80
N ASP A 203 -18.43 6.41 13.94
CA ASP A 203 -18.98 5.06 13.99
C ASP A 203 -20.44 5.08 13.53
N LYS A 204 -20.98 3.92 13.21
CA LYS A 204 -22.32 3.80 12.63
C LYS A 204 -23.38 4.57 13.39
N ASP A 205 -23.32 4.54 14.72
CA ASP A 205 -24.37 5.15 15.55
C ASP A 205 -24.29 6.67 15.64
N SER A 206 -23.21 7.25 15.12
CA SER A 206 -22.98 8.69 15.26
C SER A 206 -22.65 9.34 13.92
N LEU A 207 -23.51 9.12 12.92
CA LEU A 207 -23.22 9.53 11.55
C LEU A 207 -22.98 11.04 11.37
N ASP A 208 -23.49 11.83 12.30
CA ASP A 208 -23.37 13.29 12.20
C ASP A 208 -22.13 13.83 12.90
N LEU A 209 -21.32 12.94 13.47
CA LEU A 209 -20.17 13.35 14.25
C LEU A 209 -18.97 13.67 13.37
N GLU A 210 -18.39 14.87 13.55
CA GLU A 210 -17.12 15.20 12.91
C GLU A 210 -15.99 14.92 13.89
N PRO A 211 -15.06 14.02 13.53
CA PRO A 211 -14.01 13.60 14.46
C PRO A 211 -13.25 14.78 15.06
N ILE A 212 -12.87 15.74 14.22
CA ILE A 212 -12.05 16.86 14.69
C ILE A 212 -12.74 17.63 15.81
N SER A 213 -14.07 17.61 15.79
CA SER A 213 -14.85 18.28 16.83
C SER A 213 -14.52 17.76 18.22
N LEU A 214 -13.89 16.60 18.30
CA LEU A 214 -13.61 15.96 19.60
C LEU A 214 -12.32 16.43 20.25
N LEU A 215 -11.61 17.33 19.57
CA LEU A 215 -10.31 17.80 20.06
C LEU A 215 -10.29 18.20 21.55
N PRO A 216 -11.26 19.01 21.99
CA PRO A 216 -11.28 19.39 23.41
C PRO A 216 -11.33 18.19 24.36
N LYS A 217 -11.93 17.10 23.93
CA LYS A 217 -12.04 15.91 24.78
C LYS A 217 -10.75 15.09 24.83
N ILE A 218 -9.99 15.09 23.73
CA ILE A 218 -8.80 14.24 23.68
C ILE A 218 -7.53 14.94 24.17
N LEU A 219 -7.48 16.26 24.13
CA LEU A 219 -6.27 16.98 24.53
C LEU A 219 -5.82 16.66 25.97
N PRO A 220 -6.76 16.70 26.91
CA PRO A 220 -6.38 16.38 28.30
C PRO A 220 -5.71 15.02 28.42
N VAL A 221 -6.12 14.07 27.58
CA VAL A 221 -5.58 12.71 27.65
C VAL A 221 -4.15 12.68 27.10
N TYR A 222 -3.91 13.43 26.02
CA TYR A 222 -2.54 13.58 25.50
C TYR A 222 -1.69 14.24 26.55
N LYS A 223 -2.24 15.29 27.17
CA LYS A 223 -1.51 16.00 28.21
C LYS A 223 -1.08 15.05 29.33
N GLU A 224 -2.00 14.19 29.75
CA GLU A 224 -1.70 13.29 30.87
C GLU A 224 -0.62 12.28 30.48
N LEU A 225 -0.66 11.82 29.23
CA LEU A 225 0.30 10.83 28.75
C LEU A 225 1.69 11.44 28.69
N LEU A 226 1.77 12.66 28.17
CA LEU A 226 3.03 13.39 28.09
C LEU A 226 3.61 13.68 29.47
N GLN A 227 2.76 14.00 30.43
CA GLN A 227 3.20 14.19 31.80
C GLN A 227 3.85 12.91 32.31
N LYS A 228 3.21 11.77 32.04
CA LYS A 228 3.73 10.48 32.50
C LYS A 228 5.06 10.14 31.84
N LEU A 229 5.18 10.47 30.57
CA LEU A 229 6.41 10.21 29.83
C LEU A 229 7.55 11.07 30.36
N LYS A 230 7.22 12.32 30.71
CA LYS A 230 8.21 13.22 31.29
C LYS A 230 8.70 12.66 32.63
N GLU A 231 7.76 12.32 33.50
CA GLU A 231 8.08 11.74 34.79
C GLU A 231 8.94 10.47 34.67
N ALA A 232 8.75 9.70 33.60
CA ALA A 232 9.56 8.49 33.42
C ALA A 232 10.98 8.81 32.96
N GLY A 233 11.19 10.05 32.51
CA GLY A 233 12.51 10.45 32.06
C GLY A 233 12.63 10.80 30.58
N ALA A 234 11.54 10.77 29.84
CA ALA A 234 11.59 11.17 28.44
C ALA A 234 11.75 12.69 28.33
N GLU A 235 12.75 13.15 27.58
CA GLU A 235 13.02 14.60 27.49
C GLU A 235 12.47 15.20 26.20
N GLN A 236 12.29 14.35 25.19
CA GLN A 236 11.69 14.74 23.92
C GLN A 236 10.71 13.68 23.45
N VAL A 237 9.73 14.13 22.70
CA VAL A 237 8.76 13.24 22.08
C VAL A 237 8.57 13.64 20.63
N GLN A 238 8.58 12.63 19.76
CA GLN A 238 8.28 12.82 18.36
C GLN A 238 6.77 12.72 18.19
N ILE A 239 6.13 13.84 17.85
CA ILE A 239 4.69 13.87 17.74
C ILE A 239 4.32 14.07 16.27
N ASP A 240 3.80 12.99 15.66
CA ASP A 240 3.56 12.94 14.22
C ASP A 240 2.29 13.71 13.85
N GLU A 241 2.42 14.69 12.95
CA GLU A 241 1.25 15.37 12.39
C GLU A 241 1.29 15.34 10.87
N PRO A 242 1.26 14.14 10.28
CA PRO A 242 1.36 14.03 8.82
C PRO A 242 0.18 14.59 8.04
N VAL A 243 -0.98 14.80 8.66
CA VAL A 243 -2.06 15.44 7.90
C VAL A 243 -1.68 16.83 7.39
N LEU A 244 -0.61 17.41 7.92
CA LEU A 244 -0.13 18.70 7.44
C LEU A 244 0.36 18.66 5.98
N VAL A 245 0.59 17.45 5.45
CA VAL A 245 0.92 17.33 4.03
C VAL A 245 -0.30 17.19 3.13
N LEU A 246 -1.49 17.13 3.75
CA LEU A 246 -2.75 17.10 3.00
C LEU A 246 -3.33 18.52 2.76
N ASP A 247 -4.26 18.63 1.83
CA ASP A 247 -5.08 19.83 1.68
C ASP A 247 -6.03 19.86 2.87
N LEU A 248 -5.84 20.82 3.77
CA LEU A 248 -6.67 20.91 4.98
C LEU A 248 -7.60 22.11 4.91
N PRO A 249 -8.87 21.93 5.30
CA PRO A 249 -9.76 23.09 5.36
C PRO A 249 -9.17 24.10 6.32
N GLU A 250 -9.45 25.37 6.10
CA GLU A 250 -8.93 26.43 6.96
C GLU A 250 -9.29 26.18 8.41
N ALA A 251 -10.48 25.64 8.65
CA ALA A 251 -10.99 25.41 10.00
C ALA A 251 -10.21 24.35 10.74
N VAL A 252 -9.59 23.43 10.01
CA VAL A 252 -8.78 22.38 10.63
C VAL A 252 -7.37 22.91 10.91
N GLN A 253 -6.87 23.72 9.99
CA GLN A 253 -5.56 24.33 10.16
C GLN A 253 -5.43 25.09 11.48
N SER A 254 -6.51 25.71 11.94
CA SER A 254 -6.47 26.53 13.16
C SER A 254 -6.27 25.67 14.40
N LYS A 255 -6.51 24.38 14.27
CA LYS A 255 -6.47 23.50 15.44
C LYS A 255 -5.06 23.13 15.93
N PHE A 256 -4.04 23.35 15.10
CA PHE A 256 -2.68 23.02 15.57
C PHE A 256 -2.28 23.99 16.69
N LYS A 257 -2.51 25.27 16.49
CA LYS A 257 -2.23 26.24 17.53
C LYS A 257 -3.00 25.89 18.80
N GLU A 258 -4.30 25.60 18.65
CA GLU A 258 -5.11 25.25 19.78
C GLU A 258 -4.51 24.04 20.50
N ALA A 259 -4.22 22.98 19.76
CA ALA A 259 -3.74 21.75 20.36
C ALA A 259 -2.39 21.93 21.07
N TYR A 260 -1.45 22.59 20.39
CA TYR A 260 -0.09 22.62 20.92
C TYR A 260 0.11 23.64 22.04
N ASP A 261 -0.66 24.72 22.02
CA ASP A 261 -0.70 25.63 23.16
C ASP A 261 -1.16 24.86 24.40
N ALA A 262 -2.11 23.95 24.23
CA ALA A 262 -2.63 23.18 25.37
C ALA A 262 -1.64 22.13 25.87
N LEU A 263 -0.85 21.55 24.96
CA LEU A 263 0.03 20.45 25.34
C LEU A 263 1.35 20.91 25.94
N VAL A 264 1.98 21.92 25.33
CA VAL A 264 3.31 22.34 25.73
C VAL A 264 3.33 23.02 27.11
N GLY A 265 4.30 22.65 27.94
CA GLY A 265 4.49 23.26 29.25
C GLY A 265 5.73 22.72 29.96
N ALA A 266 5.91 23.10 31.22
CA ALA A 266 7.09 22.69 31.98
C ALA A 266 7.02 21.23 32.40
N ASP A 267 5.81 20.70 32.41
CA ASP A 267 5.53 19.38 32.99
C ASP A 267 5.50 18.28 31.95
N VAL A 268 5.86 18.60 30.71
CA VAL A 268 5.83 17.62 29.63
C VAL A 268 7.17 17.66 28.88
N PRO A 269 7.46 16.62 28.08
CA PRO A 269 8.72 16.62 27.33
C PRO A 269 8.65 17.63 26.21
N GLU A 270 9.79 18.04 25.67
CA GLU A 270 9.81 18.85 24.45
C GLU A 270 9.19 18.08 23.29
N LEU A 271 8.47 18.78 22.42
CA LEU A 271 7.76 18.13 21.33
C LEU A 271 8.39 18.45 19.98
N ILE A 272 8.62 17.43 19.17
CA ILE A 272 9.14 17.63 17.82
C ILE A 272 8.02 17.26 16.86
N LEU A 273 7.42 18.28 16.24
CA LEU A 273 6.24 18.07 15.43
C LEU A 273 6.65 17.58 14.06
N THR A 274 6.18 16.39 13.70
CA THR A 274 6.83 15.62 12.65
C THR A 274 5.91 15.39 11.46
N THR A 275 6.42 15.69 10.26
CA THR A 275 5.65 15.53 9.02
C THR A 275 6.45 14.73 8.00
N TYR A 276 5.77 14.02 7.12
CA TYR A 276 6.45 13.22 6.11
C TYR A 276 5.52 12.90 4.93
N PHE A 277 6.11 12.45 3.83
CA PHE A 277 5.38 12.06 2.62
C PHE A 277 4.95 13.23 1.71
N GLY A 278 5.17 14.47 2.13
CA GLY A 278 4.69 15.58 1.31
C GLY A 278 5.07 16.98 1.73
N ASP A 279 4.34 17.95 1.16
CA ASP A 279 4.66 19.36 1.20
C ASP A 279 3.77 20.04 2.25
N VAL A 280 4.37 20.70 3.24
CA VAL A 280 3.57 21.36 4.26
C VAL A 280 3.31 22.82 3.93
N ARG A 281 3.90 23.32 2.85
CA ARG A 281 3.86 24.76 2.57
C ARG A 281 2.46 25.40 2.54
N PRO A 282 1.47 24.74 1.91
CA PRO A 282 0.10 25.26 1.93
C PRO A 282 -0.46 25.46 3.33
N ASN A 283 0.02 24.67 4.28
CA ASN A 283 -0.42 24.78 5.67
C ASN A 283 0.56 25.52 6.57
N LEU A 284 1.54 26.23 6.02
CA LEU A 284 2.61 26.82 6.84
C LEU A 284 2.06 27.79 7.89
N LYS A 285 1.07 28.59 7.53
CA LYS A 285 0.54 29.53 8.50
C LYS A 285 -0.03 28.81 9.71
N ALA A 286 -0.50 27.57 9.52
CA ALA A 286 -1.06 26.80 10.63
C ALA A 286 -0.02 26.48 11.72
N ILE A 287 1.25 26.41 11.33
CA ILE A 287 2.29 26.01 12.27
C ILE A 287 3.35 27.09 12.51
N GLU A 288 3.12 28.29 12.00
CA GLU A 288 4.12 29.35 12.15
C GLU A 288 4.22 29.97 13.55
N ASN A 289 3.25 29.72 14.43
CA ASN A 289 3.32 30.32 15.77
C ASN A 289 3.08 29.29 16.87
N LEU A 290 3.74 28.13 16.76
CA LEU A 290 3.57 27.06 17.73
C LEU A 290 4.65 27.05 18.80
N PRO A 291 4.30 26.63 20.03
CA PRO A 291 5.27 26.61 21.13
C PRO A 291 6.10 25.33 21.15
N VAL A 292 6.04 24.50 20.11
CA VAL A 292 6.77 23.24 20.10
C VAL A 292 8.28 23.47 20.03
N ALA A 293 9.07 22.43 20.32
CA ALA A 293 10.53 22.55 20.37
C ALA A 293 11.21 22.41 19.00
N GLY A 294 10.47 21.94 18.00
CA GLY A 294 11.08 21.71 16.71
C GLY A 294 10.15 21.02 15.74
N PHE A 295 10.63 20.88 14.51
CA PHE A 295 9.88 20.29 13.42
C PHE A 295 10.71 19.26 12.68
N HIS A 296 10.04 18.33 12.02
CA HIS A 296 10.69 17.46 11.04
C HIS A 296 9.95 17.51 9.72
N PHE A 297 10.70 17.65 8.62
CA PHE A 297 10.14 17.71 7.28
C PHE A 297 10.81 16.68 6.36
N ASP A 298 10.06 16.22 5.37
CA ASP A 298 10.48 15.21 4.42
C ASP A 298 11.14 15.89 3.22
N PHE A 299 12.47 15.92 3.19
CA PHE A 299 13.18 16.54 2.09
C PHE A 299 13.58 15.49 1.03
N VAL A 300 13.11 14.26 1.20
CA VAL A 300 13.27 13.26 0.13
C VAL A 300 12.16 13.45 -0.89
N ARG A 301 10.93 13.48 -0.40
CA ARG A 301 9.77 13.68 -1.25
C ARG A 301 9.70 15.14 -1.76
N VAL A 302 10.02 16.10 -0.89
CA VAL A 302 9.88 17.52 -1.21
C VAL A 302 11.07 18.36 -0.72
N PRO A 303 12.25 18.15 -1.29
CA PRO A 303 13.40 18.95 -0.89
C PRO A 303 13.17 20.44 -1.14
N GLU A 304 12.28 20.76 -2.08
CA GLU A 304 12.11 22.16 -2.48
C GLU A 304 11.38 23.01 -1.42
N GLN A 305 10.80 22.37 -0.42
CA GLN A 305 10.12 23.12 0.63
C GLN A 305 11.08 23.64 1.70
N LEU A 306 12.35 23.25 1.63
CA LEU A 306 13.35 23.61 2.66
C LEU A 306 13.41 25.10 3.03
N ASP A 307 13.63 25.96 2.04
CA ASP A 307 13.76 27.39 2.30
C ASP A 307 12.58 27.97 3.06
N GLU A 308 11.36 27.70 2.59
CA GLU A 308 10.18 28.26 3.23
C GLU A 308 9.91 27.72 4.63
N VAL A 309 10.03 26.41 4.82
CA VAL A 309 9.79 25.85 6.16
C VAL A 309 10.88 26.29 7.14
N ALA A 310 12.11 26.42 6.67
CA ALA A 310 13.18 26.90 7.53
C ALA A 310 12.92 28.33 8.00
N SER A 311 12.35 29.15 7.11
CA SER A 311 12.13 30.57 7.37
C SER A 311 11.20 30.86 8.57
N ILE A 312 10.36 29.89 8.93
CA ILE A 312 9.39 30.08 10.03
C ILE A 312 9.87 29.57 11.38
N LEU A 313 11.01 28.89 11.42
CA LEU A 313 11.56 28.44 12.69
C LEU A 313 11.79 29.58 13.68
N LYS A 314 11.23 29.46 14.87
CA LYS A 314 11.49 30.41 15.94
C LYS A 314 12.85 30.19 16.55
N ASP A 315 13.28 31.19 17.31
CA ASP A 315 14.47 31.12 18.14
C ASP A 315 14.45 29.84 18.97
N GLY A 316 15.50 29.05 18.87
CA GLY A 316 15.55 27.82 19.66
C GLY A 316 14.90 26.59 19.02
N GLN A 317 13.83 26.74 18.24
CA GLN A 317 13.23 25.58 17.57
C GLN A 317 14.26 24.90 16.67
N THR A 318 14.24 23.57 16.62
CA THR A 318 15.16 22.82 15.75
C THR A 318 14.50 22.28 14.48
N LEU A 319 15.34 21.98 13.50
CA LEU A 319 14.82 21.48 12.23
C LEU A 319 15.41 20.12 11.91
N SER A 320 14.56 19.10 11.88
CA SER A 320 14.99 17.74 11.53
C SER A 320 14.83 17.57 10.00
N ALA A 321 15.96 17.41 9.32
CA ALA A 321 16.01 17.32 7.87
C ALA A 321 15.95 15.85 7.43
N GLY A 322 14.78 15.43 6.95
CA GLY A 322 14.57 14.06 6.48
C GLY A 322 15.22 13.83 5.13
N VAL A 323 16.41 13.22 5.12
CA VAL A 323 17.17 13.06 3.87
C VAL A 323 17.59 11.63 3.50
N VAL A 324 17.29 10.68 4.37
CA VAL A 324 17.44 9.25 4.03
C VAL A 324 16.05 8.59 3.87
N ASP A 325 15.72 8.18 2.64
CA ASP A 325 14.37 7.68 2.28
C ASP A 325 13.89 6.55 3.18
N GLY A 326 12.73 6.73 3.78
CA GLY A 326 12.16 5.66 4.60
C GLY A 326 11.22 4.73 3.84
N ARG A 327 11.01 4.98 2.55
CA ARG A 327 10.05 4.20 1.76
C ARG A 327 10.65 3.46 0.56
N ASN A 328 11.95 3.59 0.35
CA ASN A 328 12.57 2.94 -0.78
C ASN A 328 13.95 2.41 -0.42
N ILE A 329 14.52 1.61 -1.30
CA ILE A 329 15.66 0.78 -0.91
C ILE A 329 16.97 1.14 -1.59
N TRP A 330 17.03 2.31 -2.21
CA TRP A 330 18.27 2.71 -2.88
C TRP A 330 19.28 3.29 -1.88
N LYS A 331 20.55 2.93 -2.07
CA LYS A 331 21.63 3.49 -1.27
C LYS A 331 21.57 5.00 -1.43
N THR A 332 21.66 5.72 -0.31
CA THR A 332 21.60 7.17 -0.36
C THR A 332 22.88 7.77 -0.96
N ASP A 333 22.73 8.80 -1.79
CA ASP A 333 23.89 9.55 -2.30
C ASP A 333 24.33 10.48 -1.17
N PHE A 334 25.43 10.14 -0.49
CA PHE A 334 25.88 10.90 0.68
C PHE A 334 26.19 12.35 0.37
N ALA A 335 26.80 12.60 -0.78
CA ALA A 335 27.14 13.97 -1.16
C ALA A 335 25.89 14.84 -1.30
N LYS A 336 24.90 14.34 -2.02
CA LYS A 336 23.69 15.10 -2.29
C LYS A 336 22.84 15.29 -1.03
N ALA A 337 22.69 14.22 -0.26
CA ALA A 337 21.95 14.29 0.99
C ALA A 337 22.61 15.27 1.99
N SER A 338 23.94 15.20 2.09
CA SER A 338 24.69 16.15 2.93
C SER A 338 24.47 17.60 2.48
N ALA A 339 24.39 17.80 1.16
CA ALA A 339 24.20 19.13 0.62
C ALA A 339 22.86 19.72 1.02
N VAL A 340 21.84 18.87 1.08
CA VAL A 340 20.51 19.30 1.50
C VAL A 340 20.57 19.72 2.97
N VAL A 341 21.22 18.88 3.78
CA VAL A 341 21.37 19.18 5.19
C VAL A 341 22.15 20.49 5.34
N GLN A 342 23.17 20.67 4.52
CA GLN A 342 23.99 21.87 4.59
C GLN A 342 23.16 23.14 4.28
N LYS A 343 22.23 23.03 3.35
CA LYS A 343 21.34 24.17 3.08
C LYS A 343 20.52 24.51 4.33
N ALA A 344 20.10 23.50 5.07
CA ALA A 344 19.30 23.76 6.27
C ALA A 344 20.17 24.44 7.31
N ILE A 345 21.39 23.92 7.46
CA ILE A 345 22.39 24.51 8.33
C ILE A 345 22.63 25.98 8.00
N GLU A 346 22.80 26.28 6.71
CA GLU A 346 23.07 27.65 6.29
C GLU A 346 21.96 28.59 6.77
N LYS A 347 20.74 28.07 6.76
CA LYS A 347 19.57 28.86 7.16
C LYS A 347 19.42 29.04 8.67
N VAL A 348 19.55 27.96 9.43
CA VAL A 348 19.18 28.02 10.85
C VAL A 348 20.28 27.69 11.87
N GLY A 349 21.47 27.34 11.41
CA GLY A 349 22.55 27.06 12.34
C GLY A 349 22.78 25.58 12.62
N LYS A 350 24.05 25.20 12.63
CA LYS A 350 24.45 23.81 12.83
C LYS A 350 23.90 23.25 14.14
N ASP A 351 23.81 24.10 15.16
CA ASP A 351 23.30 23.68 16.45
C ASP A 351 21.80 23.33 16.40
N LYS A 352 21.11 23.74 15.34
CA LYS A 352 19.66 23.59 15.27
C LYS A 352 19.17 22.63 14.19
N VAL A 353 20.09 21.88 13.60
CA VAL A 353 19.68 20.95 12.55
C VAL A 353 20.01 19.52 12.95
N VAL A 354 19.12 18.60 12.58
CA VAL A 354 19.26 17.18 12.86
C VAL A 354 19.17 16.40 11.53
N VAL A 355 20.05 15.40 11.35
CA VAL A 355 19.98 14.54 10.16
C VAL A 355 19.08 13.35 10.46
N ALA A 356 18.04 13.16 9.63
CA ALA A 356 16.99 12.17 9.90
C ALA A 356 16.57 11.28 8.71
N THR A 357 16.00 10.12 9.01
CA THR A 357 15.28 9.38 7.98
C THR A 357 14.07 10.25 7.55
N SER A 358 13.66 10.15 6.29
CA SER A 358 12.61 11.05 5.79
C SER A 358 11.28 10.74 6.47
N SER A 359 11.05 9.45 6.73
CA SER A 359 9.90 8.97 7.46
C SER A 359 10.35 7.79 8.32
N SER A 360 9.42 7.14 9.01
CA SER A 360 9.76 5.89 9.67
C SER A 360 10.35 4.89 8.66
N LEU A 361 11.26 4.03 9.12
CA LEU A 361 11.76 2.93 8.30
C LEU A 361 10.81 1.73 8.24
N LEU A 362 9.64 1.87 8.87
CA LEU A 362 8.56 0.88 8.79
C LEU A 362 8.33 0.37 7.38
N HIS A 363 8.53 1.26 6.40
CA HIS A 363 8.18 0.97 5.00
C HIS A 363 9.35 0.39 4.20
N THR A 364 10.40 -0.06 4.88
CA THR A 364 11.53 -0.65 4.18
C THR A 364 11.86 -2.01 4.80
N PRO A 365 12.50 -2.92 4.03
CA PRO A 365 12.85 -4.21 4.63
C PRO A 365 13.90 -4.06 5.71
N VAL A 366 14.03 -5.09 6.53
CA VAL A 366 14.88 -5.03 7.72
C VAL A 366 16.39 -4.98 7.41
N ASP A 367 16.89 -5.90 6.58
CA ASP A 367 18.35 -6.07 6.49
C ASP A 367 18.82 -6.64 5.17
N LEU A 368 19.63 -5.86 4.46
CA LEU A 368 20.15 -6.25 3.16
C LEU A 368 21.07 -7.47 3.30
N GLU A 369 21.66 -7.65 4.48
CA GLU A 369 22.62 -8.72 4.68
C GLU A 369 22.00 -10.11 4.64
N SER A 370 20.68 -10.17 4.76
CA SER A 370 19.96 -11.44 4.72
C SER A 370 19.80 -11.98 3.31
N GLU A 371 20.02 -11.12 2.30
CA GLU A 371 19.88 -11.54 0.91
C GLU A 371 20.95 -12.55 0.49
N THR A 372 20.55 -13.74 0.05
CA THR A 372 21.50 -14.78 -0.29
C THR A 372 21.75 -14.96 -1.79
N LYS A 373 20.95 -14.31 -2.64
CA LYS A 373 20.98 -14.55 -4.08
C LYS A 373 21.36 -13.36 -4.96
N LEU A 374 21.11 -12.13 -4.50
CA LEU A 374 21.42 -10.96 -5.32
C LEU A 374 22.90 -10.88 -5.68
N ASP A 375 23.18 -10.64 -6.96
CA ASP A 375 24.55 -10.40 -7.40
C ASP A 375 25.16 -9.24 -6.60
N ALA A 376 26.45 -9.34 -6.32
CA ALA A 376 27.14 -8.31 -5.54
C ALA A 376 27.07 -6.93 -6.19
N VAL A 377 26.97 -6.89 -7.52
CA VAL A 377 26.89 -5.61 -8.24
C VAL A 377 25.59 -4.89 -7.91
N ILE A 378 24.50 -5.63 -7.90
CA ILE A 378 23.19 -5.06 -7.63
C ILE A 378 23.05 -4.71 -6.17
N LYS A 379 23.47 -5.61 -5.29
CA LYS A 379 23.37 -5.39 -3.86
C LYS A 379 24.05 -4.07 -3.46
N ASP A 380 25.15 -3.76 -4.15
CA ASP A 380 25.89 -2.52 -3.91
C ASP A 380 25.01 -1.28 -4.15
N TRP A 381 23.89 -1.45 -4.86
CA TRP A 381 23.00 -0.31 -5.13
C TRP A 381 21.96 -0.04 -4.05
N PHE A 382 21.85 -0.96 -3.09
CA PHE A 382 20.74 -0.96 -2.14
C PHE A 382 21.17 -0.66 -0.72
N SER A 383 20.22 -0.18 0.09
CA SER A 383 20.33 -0.10 1.54
C SER A 383 18.95 -0.41 2.10
N PHE A 384 18.85 -1.37 3.02
CA PHE A 384 17.57 -1.60 3.68
C PHE A 384 17.61 -0.90 5.05
N ALA A 385 16.64 -1.18 5.94
CA ALA A 385 16.55 -0.40 7.18
C ALA A 385 17.84 -0.40 7.99
N THR A 386 18.42 -1.57 8.21
CA THR A 386 19.63 -1.70 9.01
C THR A 386 20.75 -0.81 8.46
N GLN A 387 20.90 -0.81 7.12
CA GLN A 387 21.93 -0.02 6.46
C GLN A 387 21.63 1.47 6.53
N LYS A 388 20.35 1.84 6.48
CA LYS A 388 19.99 3.25 6.56
C LYS A 388 20.41 3.84 7.92
N LEU A 389 20.53 3.01 8.95
CA LEU A 389 21.03 3.51 10.25
C LEU A 389 22.45 4.07 10.10
N ASP A 390 23.30 3.33 9.39
CA ASP A 390 24.67 3.78 9.14
C ASP A 390 24.70 5.04 8.30
N GLU A 391 23.74 5.14 7.37
CA GLU A 391 23.69 6.29 6.47
C GLU A 391 23.43 7.62 7.17
N VAL A 392 22.42 7.67 8.04
CA VAL A 392 22.15 8.92 8.73
C VAL A 392 23.34 9.28 9.62
N VAL A 393 24.01 8.27 10.16
CA VAL A 393 25.18 8.52 11.03
C VAL A 393 26.35 9.13 10.25
N VAL A 394 26.64 8.58 9.07
CA VAL A 394 27.78 9.06 8.29
C VAL A 394 27.49 10.48 7.79
N ILE A 395 26.26 10.71 7.33
CA ILE A 395 25.87 12.04 6.85
C ILE A 395 26.00 13.11 7.96
N ALA A 396 25.54 12.77 9.16
CA ALA A 396 25.64 13.67 10.31
C ALA A 396 27.10 13.99 10.63
N LYS A 397 27.96 12.97 10.58
CA LYS A 397 29.39 13.17 10.84
C LYS A 397 30.01 14.06 9.77
N ASN A 398 29.61 13.82 8.53
CA ASN A 398 30.16 14.60 7.43
C ASN A 398 29.89 16.09 7.60
N VAL A 399 28.63 16.45 7.86
CA VAL A 399 28.28 17.85 8.03
C VAL A 399 28.80 18.43 9.35
N SER A 400 29.15 17.55 10.27
CA SER A 400 29.74 17.97 11.53
C SER A 400 31.22 18.34 11.37
N GLY A 401 31.81 17.96 10.24
CA GLY A 401 33.20 18.28 9.99
C GLY A 401 34.14 17.11 10.28
N GLU A 402 33.58 15.99 10.72
CA GLU A 402 34.37 14.81 11.00
C GLU A 402 34.87 14.18 9.70
N ASP A 403 36.07 13.62 9.75
CA ASP A 403 36.61 13.00 8.55
C ASP A 403 35.97 11.63 8.31
N VAL A 404 35.08 11.58 7.33
CA VAL A 404 34.51 10.32 6.87
C VAL A 404 34.77 10.20 5.37
N SER A 405 35.95 10.64 4.96
CA SER A 405 36.33 10.64 3.55
C SER A 405 36.31 9.23 2.97
N LYS A 406 36.62 8.23 3.80
CA LYS A 406 36.61 6.85 3.36
C LYS A 406 35.19 6.40 3.02
N GLN A 407 34.25 6.67 3.93
CA GLN A 407 32.86 6.30 3.73
C GLN A 407 32.28 7.05 2.53
N LEU A 408 32.65 8.32 2.41
CA LEU A 408 32.16 9.14 1.31
C LEU A 408 32.69 8.69 -0.04
N GLU A 409 33.96 8.29 -0.08
CA GLU A 409 34.54 7.77 -1.32
C GLU A 409 33.86 6.46 -1.72
N ALA A 410 33.70 5.57 -0.76
CA ALA A 410 33.07 4.29 -1.06
C ALA A 410 31.64 4.52 -1.55
N ASN A 411 30.92 5.42 -0.87
CA ASN A 411 29.57 5.74 -1.31
C ASN A 411 29.56 6.35 -2.71
N ALA A 412 30.51 7.26 -2.96
CA ALA A 412 30.58 7.91 -4.25
C ALA A 412 30.85 6.87 -5.32
N ALA A 413 31.72 5.92 -5.00
CA ALA A 413 32.05 4.84 -5.93
C ALA A 413 30.82 4.02 -6.31
N SER A 414 30.00 3.69 -5.31
CA SER A 414 28.78 2.90 -5.56
C SER A 414 27.76 3.67 -6.41
N ILE A 415 27.61 4.96 -6.10
CA ILE A 415 26.69 5.80 -6.86
C ILE A 415 27.16 5.91 -8.31
N LYS A 416 28.48 6.08 -8.49
CA LYS A 416 29.02 6.17 -9.84
C LYS A 416 28.79 4.85 -10.58
N ALA A 417 29.06 3.75 -9.89
CA ALA A 417 28.89 2.41 -10.46
C ALA A 417 27.48 2.17 -10.97
N ARG A 418 26.47 2.49 -10.17
CA ARG A 418 25.09 2.32 -10.60
C ARG A 418 24.81 3.19 -11.81
N SER A 419 25.30 4.43 -11.76
CA SER A 419 25.03 5.41 -12.80
C SER A 419 25.59 4.98 -14.15
N GLU A 420 26.74 4.31 -14.11
CA GLU A 420 27.43 3.89 -15.32
C GLU A 420 27.07 2.47 -15.75
N SER A 421 26.06 1.87 -15.10
CA SER A 421 25.67 0.51 -15.43
C SER A 421 25.05 0.45 -16.82
N SER A 422 24.72 -0.76 -17.27
CA SER A 422 24.01 -0.95 -18.53
C SER A 422 22.71 -1.67 -18.26
N ILE A 423 22.70 -2.50 -17.22
CA ILE A 423 21.49 -3.17 -16.78
C ILE A 423 20.39 -2.14 -16.56
N THR A 424 20.77 -0.88 -16.45
CA THR A 424 19.80 0.18 -16.26
C THR A 424 19.26 0.66 -17.60
N ASN A 425 20.15 0.83 -18.57
CA ASN A 425 19.78 1.50 -19.82
C ASN A 425 19.68 0.59 -21.05
N ASP A 426 18.45 0.42 -21.54
CA ASP A 426 18.18 -0.40 -22.71
C ASP A 426 17.81 0.49 -23.91
N PRO A 427 18.71 0.55 -24.90
CA PRO A 427 18.49 1.38 -26.09
C PRO A 427 17.20 1.06 -26.83
N LYS A 428 16.83 -0.21 -26.92
CA LYS A 428 15.57 -0.58 -27.57
C LYS A 428 14.37 0.02 -26.84
N VAL A 429 14.41 0.03 -25.52
CA VAL A 429 13.29 0.57 -24.76
C VAL A 429 13.19 2.09 -24.94
N GLN A 430 14.33 2.75 -24.85
CA GLN A 430 14.38 4.20 -25.03
C GLN A 430 13.83 4.61 -26.38
N GLU A 431 14.21 3.88 -27.42
CA GLU A 431 13.69 4.17 -28.75
C GLU A 431 12.19 3.94 -28.79
N ARG A 432 11.70 2.92 -28.11
CA ARG A 432 10.27 2.63 -28.16
C ARG A 432 9.46 3.71 -27.42
N LEU A 433 10.04 4.29 -26.38
CA LEU A 433 9.36 5.33 -25.62
C LEU A 433 9.04 6.53 -26.51
N THR A 434 9.92 6.79 -27.47
CA THR A 434 9.76 7.91 -28.37
C THR A 434 8.58 7.70 -29.33
N THR A 435 8.18 6.45 -29.53
CA THR A 435 7.07 6.13 -30.41
C THR A 435 5.70 6.37 -29.79
N ILE A 436 5.65 6.64 -28.49
CA ILE A 436 4.37 6.89 -27.84
C ILE A 436 3.77 8.20 -28.35
N ASN A 437 2.52 8.12 -28.81
CA ASN A 437 1.79 9.28 -29.31
C ASN A 437 0.30 9.03 -29.12
N GLU A 438 -0.54 9.93 -29.59
CA GLU A 438 -1.99 9.78 -29.39
C GLU A 438 -2.56 8.48 -29.98
N ALA A 439 -2.12 8.12 -31.17
CA ALA A 439 -2.67 6.95 -31.84
C ALA A 439 -2.29 5.69 -31.08
N LEU A 440 -1.09 5.68 -30.48
CA LEU A 440 -0.65 4.53 -29.72
C LEU A 440 -1.51 4.36 -28.48
N ALA A 441 -2.12 5.46 -28.03
CA ALA A 441 -2.90 5.43 -26.81
C ALA A 441 -4.40 5.48 -27.09
N THR A 442 -4.81 5.09 -28.29
CA THR A 442 -6.21 5.16 -28.69
C THR A 442 -6.66 3.92 -29.47
N ARG A 443 -7.83 3.38 -29.13
CA ARG A 443 -8.42 2.26 -29.88
C ARG A 443 -8.65 2.67 -31.34
N LYS A 444 -8.78 1.69 -32.22
CA LYS A 444 -8.95 1.97 -33.66
C LYS A 444 -10.29 2.62 -33.95
N ALA A 445 -11.24 2.44 -33.05
CA ALA A 445 -12.54 3.10 -33.19
C ALA A 445 -13.16 3.36 -31.83
N ALA A 446 -14.14 4.27 -31.81
CA ALA A 446 -14.85 4.61 -30.59
C ALA A 446 -15.80 3.47 -30.21
N PHE A 447 -16.14 3.37 -28.94
CA PHE A 447 -16.92 2.25 -28.44
C PHE A 447 -18.17 1.92 -29.25
N PRO A 448 -18.94 2.94 -29.66
CA PRO A 448 -20.12 2.65 -30.47
C PRO A 448 -19.80 1.75 -31.66
N GLU A 449 -18.72 2.06 -32.39
CA GLU A 449 -18.34 1.27 -33.56
C GLU A 449 -17.78 -0.10 -33.15
N ARG A 450 -17.04 -0.12 -32.06
CA ARG A 450 -16.49 -1.38 -31.56
C ARG A 450 -17.61 -2.32 -31.13
N LEU A 451 -18.60 -1.80 -30.43
CA LEU A 451 -19.71 -2.64 -29.94
C LEU A 451 -20.35 -3.40 -31.08
N THR A 452 -20.54 -2.74 -32.21
CA THR A 452 -21.12 -3.39 -33.39
C THR A 452 -20.34 -4.61 -33.83
N GLU A 453 -19.01 -4.46 -33.91
CA GLU A 453 -18.17 -5.58 -34.32
C GLU A 453 -18.12 -6.67 -33.26
N GLN A 454 -18.17 -6.26 -32.00
CA GLN A 454 -18.15 -7.22 -30.90
C GLN A 454 -19.45 -8.05 -30.86
N LYS A 455 -20.59 -7.40 -31.10
CA LYS A 455 -21.86 -8.13 -31.20
C LYS A 455 -21.87 -9.13 -32.34
N ALA A 456 -21.28 -8.75 -33.48
CA ALA A 456 -21.21 -9.64 -34.62
C ALA A 456 -20.32 -10.86 -34.32
N LYS A 457 -19.26 -10.63 -33.56
CA LYS A 457 -18.31 -11.71 -33.29
C LYS A 457 -18.79 -12.65 -32.18
N TYR A 458 -19.30 -12.09 -31.09
CA TYR A 458 -19.62 -12.89 -29.90
C TYR A 458 -21.10 -13.22 -29.77
N ASN A 459 -21.94 -12.33 -30.29
CA ASN A 459 -23.39 -12.47 -30.16
C ASN A 459 -23.82 -12.83 -28.73
N LEU A 460 -23.24 -12.16 -27.74
CA LEU A 460 -23.64 -12.43 -26.36
C LEU A 460 -25.10 -12.04 -26.13
N PRO A 461 -25.81 -12.79 -25.28
CA PRO A 461 -27.20 -12.45 -24.95
C PRO A 461 -27.23 -11.21 -24.07
N LEU A 462 -28.40 -10.64 -23.83
CA LEU A 462 -28.52 -9.56 -22.85
C LEU A 462 -28.19 -10.09 -21.46
N PHE A 463 -27.80 -9.19 -20.57
CA PHE A 463 -27.40 -9.56 -19.22
C PHE A 463 -26.38 -10.69 -19.27
N PRO A 464 -25.29 -10.51 -20.04
CA PRO A 464 -24.26 -11.55 -20.12
C PRO A 464 -23.66 -11.78 -18.74
N THR A 465 -23.35 -13.03 -18.41
CA THR A 465 -22.83 -13.34 -17.09
C THR A 465 -21.36 -13.72 -17.16
N THR A 466 -20.59 -13.25 -16.17
CA THR A 466 -19.18 -13.60 -16.10
C THR A 466 -18.70 -13.52 -14.66
N THR A 467 -17.44 -13.88 -14.43
CA THR A 467 -16.83 -13.68 -13.13
C THR A 467 -15.60 -12.80 -13.28
N ILE A 468 -15.02 -12.41 -12.16
CA ILE A 468 -14.01 -11.36 -12.14
C ILE A 468 -12.60 -11.82 -11.74
N GLY A 469 -12.46 -13.04 -11.23
CA GLY A 469 -11.18 -13.44 -10.69
C GLY A 469 -10.89 -14.92 -10.54
N SER A 470 -10.36 -15.29 -9.38
CA SER A 470 -9.90 -16.65 -9.12
C SER A 470 -10.97 -17.55 -8.51
N PHE A 471 -10.60 -18.82 -8.34
CA PHE A 471 -11.46 -19.81 -7.69
C PHE A 471 -10.65 -20.57 -6.65
N PRO A 472 -11.33 -21.29 -5.74
CA PRO A 472 -10.66 -22.10 -4.73
C PRO A 472 -9.71 -23.15 -5.33
N GLN A 473 -8.42 -23.03 -5.06
CA GLN A 473 -7.42 -23.96 -5.60
C GLN A 473 -7.19 -25.14 -4.67
N THR A 474 -6.98 -26.32 -5.25
CA THR A 474 -6.74 -27.54 -4.48
C THR A 474 -5.38 -27.52 -3.79
N LYS A 475 -5.21 -28.41 -2.81
CA LYS A 475 -3.95 -28.54 -2.10
C LYS A 475 -2.91 -29.23 -2.98
N ASP A 476 -3.38 -30.03 -3.92
CA ASP A 476 -2.51 -30.67 -4.89
C ASP A 476 -1.68 -29.63 -5.64
N ILE A 477 -2.30 -28.48 -5.91
CA ILE A 477 -1.63 -27.40 -6.64
C ILE A 477 -0.41 -26.88 -5.89
N ARG A 478 -0.53 -26.64 -4.59
CA ARG A 478 0.60 -26.18 -3.80
C ARG A 478 1.68 -27.26 -3.70
N ILE A 479 1.26 -28.49 -3.43
CA ILE A 479 2.21 -29.60 -3.35
C ILE A 479 2.95 -29.78 -4.68
N ASN A 480 2.21 -29.80 -5.78
CA ASN A 480 2.81 -29.99 -7.10
C ASN A 480 3.71 -28.82 -7.51
N ARG A 481 3.31 -27.61 -7.16
CA ARG A 481 4.15 -26.43 -7.38
C ARG A 481 5.48 -26.58 -6.65
N ASN A 482 5.41 -27.03 -5.40
CA ASN A 482 6.59 -27.24 -4.58
C ASN A 482 7.50 -28.32 -5.17
N LYS A 483 6.92 -29.43 -5.59
CA LYS A 483 7.70 -30.50 -6.21
C LYS A 483 8.33 -30.00 -7.51
N PHE A 484 7.58 -29.25 -8.30
CA PHE A 484 8.07 -28.75 -9.58
C PHE A 484 9.27 -27.81 -9.40
N ALA A 485 9.18 -26.96 -8.38
CA ALA A 485 10.26 -26.03 -8.08
C ALA A 485 11.56 -26.76 -7.69
N LYS A 486 11.44 -28.02 -7.27
CA LYS A 486 12.61 -28.81 -6.89
C LYS A 486 12.96 -29.85 -7.95
N GLY A 487 12.30 -29.77 -9.10
CA GLY A 487 12.52 -30.69 -10.20
C GLY A 487 11.98 -32.09 -9.95
N GLN A 488 11.36 -32.29 -8.80
CA GLN A 488 10.83 -33.61 -8.43
C GLN A 488 9.76 -34.10 -9.42
N ILE A 489 9.03 -33.16 -10.03
CA ILE A 489 8.18 -33.48 -11.16
C ILE A 489 8.64 -32.67 -12.36
N THR A 490 8.37 -33.16 -13.57
CA THR A 490 8.81 -32.46 -14.76
C THR A 490 7.83 -31.35 -15.16
N ALA A 491 8.33 -30.39 -15.92
CA ALA A 491 7.49 -29.33 -16.46
C ALA A 491 6.21 -29.89 -17.09
N GLU A 492 6.33 -31.00 -17.82
CA GLU A 492 5.19 -31.62 -18.49
C GLU A 492 4.19 -32.19 -17.48
N GLU A 493 4.70 -32.70 -16.36
CA GLU A 493 3.87 -33.20 -15.28
C GLU A 493 3.13 -32.06 -14.60
N TYR A 494 3.88 -31.02 -14.25
CA TYR A 494 3.32 -29.84 -13.61
C TYR A 494 2.30 -29.19 -14.54
N GLU A 495 2.69 -29.02 -15.79
CA GLU A 495 1.80 -28.44 -16.80
C GLU A 495 0.51 -29.24 -16.92
N ALA A 496 0.63 -30.56 -16.80
CA ALA A 496 -0.54 -31.43 -16.90
C ALA A 496 -1.45 -31.28 -15.69
N PHE A 497 -0.86 -31.01 -14.53
CA PHE A 497 -1.63 -30.75 -13.31
C PHE A 497 -2.29 -29.37 -13.39
N ILE A 498 -1.58 -28.39 -13.91
CA ILE A 498 -2.16 -27.07 -14.07
C ILE A 498 -3.42 -27.14 -14.95
N ASN A 499 -3.27 -27.74 -16.14
CA ASN A 499 -4.39 -27.89 -17.08
C ASN A 499 -5.59 -28.65 -16.52
N LYS A 500 -5.33 -29.65 -15.68
CA LYS A 500 -6.42 -30.38 -15.02
C LYS A 500 -7.21 -29.42 -14.14
N GLU A 501 -6.48 -28.59 -13.40
CA GLU A 501 -7.11 -27.58 -12.56
C GLU A 501 -7.90 -26.59 -13.42
N ILE A 502 -7.32 -26.21 -14.56
CA ILE A 502 -8.02 -25.32 -15.50
C ILE A 502 -9.26 -26.02 -16.06
N GLU A 503 -9.11 -27.27 -16.48
CA GLU A 503 -10.21 -28.04 -17.02
C GLU A 503 -11.35 -28.09 -16.01
N THR A 504 -11.02 -28.40 -14.76
CA THR A 504 -12.03 -28.48 -13.71
C THR A 504 -12.81 -27.19 -13.61
N VAL A 505 -12.10 -26.08 -13.45
CA VAL A 505 -12.71 -24.75 -13.34
C VAL A 505 -13.60 -24.40 -14.53
N VAL A 506 -13.10 -24.67 -15.74
CA VAL A 506 -13.84 -24.36 -16.95
C VAL A 506 -15.13 -25.15 -17.02
N ARG A 507 -15.04 -26.46 -16.82
CA ARG A 507 -16.20 -27.34 -16.87
C ARG A 507 -17.26 -26.88 -15.88
N PHE A 508 -16.82 -26.56 -14.68
CA PHE A 508 -17.69 -26.05 -13.63
C PHE A 508 -18.51 -24.84 -14.10
N GLN A 509 -17.84 -23.88 -14.72
CA GLN A 509 -18.51 -22.67 -15.21
C GLN A 509 -19.50 -22.98 -16.32
N GLU A 510 -19.15 -23.93 -17.17
CA GLU A 510 -20.03 -24.33 -18.28
C GLU A 510 -21.33 -24.90 -17.76
N GLU A 511 -21.24 -25.73 -16.72
CA GLU A 511 -22.42 -26.35 -16.12
C GLU A 511 -23.35 -25.29 -15.55
N ILE A 512 -22.77 -24.28 -14.91
CA ILE A 512 -23.55 -23.17 -14.35
C ILE A 512 -24.15 -22.30 -15.45
N GLY A 513 -23.56 -22.34 -16.63
CA GLY A 513 -24.06 -21.56 -17.76
C GLY A 513 -23.54 -20.14 -17.86
N LEU A 514 -22.39 -19.84 -17.27
CA LEU A 514 -21.79 -18.50 -17.41
C LEU A 514 -21.49 -18.24 -18.89
N ASP A 515 -21.50 -16.99 -19.30
CA ASP A 515 -21.33 -16.65 -20.72
C ASP A 515 -19.87 -16.38 -21.11
N VAL A 516 -19.14 -15.74 -20.22
CA VAL A 516 -17.73 -15.43 -20.46
C VAL A 516 -16.91 -15.97 -19.31
N LEU A 517 -15.93 -16.81 -19.64
CA LEU A 517 -15.25 -17.65 -18.64
C LEU A 517 -13.86 -17.14 -18.29
N VAL A 518 -13.29 -17.75 -17.25
CA VAL A 518 -11.91 -17.51 -16.81
C VAL A 518 -11.24 -18.85 -16.57
N HIS A 519 -9.92 -18.86 -16.43
CA HIS A 519 -9.22 -20.14 -16.30
C HIS A 519 -8.84 -20.47 -14.85
N GLY A 520 -8.99 -19.50 -13.96
CA GLY A 520 -8.77 -19.71 -12.54
C GLY A 520 -7.39 -19.34 -12.05
N GLU A 521 -6.46 -19.13 -12.98
CA GLU A 521 -5.11 -18.70 -12.64
C GLU A 521 -4.39 -19.62 -11.63
N PRO A 522 -4.57 -20.95 -11.75
CA PRO A 522 -3.92 -21.80 -10.75
C PRO A 522 -2.39 -21.67 -10.84
N GLU A 523 -1.90 -21.26 -12.01
CA GLU A 523 -0.46 -21.19 -12.24
C GLU A 523 0.21 -19.96 -11.61
N ARG A 524 -0.59 -19.07 -11.03
CA ARG A 524 -0.05 -17.81 -10.48
C ARG A 524 -0.11 -17.76 -8.97
N ASN A 525 0.94 -17.21 -8.36
CA ASN A 525 1.01 -17.08 -6.90
C ASN A 525 0.76 -15.66 -6.41
N ASP A 526 0.89 -14.68 -7.32
CA ASP A 526 0.79 -13.26 -6.98
C ASP A 526 0.55 -12.45 -8.25
N MET A 527 -0.17 -11.34 -8.14
CA MET A 527 -0.55 -10.63 -9.37
C MET A 527 0.46 -9.58 -9.80
N VAL A 528 1.56 -9.48 -9.06
CA VAL A 528 2.66 -8.60 -9.44
C VAL A 528 3.95 -9.37 -9.73
N GLN A 529 4.37 -10.22 -8.79
CA GLN A 529 5.59 -10.99 -9.02
C GLN A 529 5.48 -11.96 -10.20
N TYR A 530 4.28 -12.46 -10.47
CA TYR A 530 4.09 -13.36 -11.61
C TYR A 530 4.54 -12.70 -12.90
N PHE A 531 4.30 -11.40 -13.00
CA PHE A 531 4.70 -10.63 -14.17
C PHE A 531 6.15 -10.13 -14.05
N GLY A 532 6.49 -9.58 -12.89
CA GLY A 532 7.82 -9.05 -12.65
C GLY A 532 8.91 -10.07 -12.95
N GLU A 533 8.65 -11.33 -12.60
CA GLU A 533 9.61 -12.42 -12.84
C GLU A 533 9.87 -12.66 -14.32
N GLN A 534 8.92 -12.26 -15.15
CA GLN A 534 9.04 -12.50 -16.58
C GLN A 534 9.34 -11.23 -17.36
N LEU A 535 9.80 -10.19 -16.65
CA LEU A 535 10.13 -8.90 -17.30
C LEU A 535 11.58 -8.55 -17.04
N ASN A 536 12.27 -8.05 -18.05
CA ASN A 536 13.61 -7.51 -17.85
C ASN A 536 13.48 -6.26 -17.02
N GLY A 537 14.53 -5.91 -16.28
CA GLY A 537 14.54 -4.68 -15.51
C GLY A 537 14.12 -4.81 -14.05
N PHE A 538 13.83 -6.03 -13.60
CA PHE A 538 13.38 -6.27 -12.23
C PHE A 538 14.43 -7.07 -11.45
N ALA A 539 14.50 -6.84 -10.13
CA ALA A 539 15.28 -7.71 -9.26
C ALA A 539 14.36 -8.19 -8.13
N PHE A 540 14.66 -9.35 -7.57
CA PHE A 540 13.84 -9.87 -6.48
C PHE A 540 14.68 -10.15 -5.24
N THR A 541 14.07 -10.06 -4.07
CA THR A 541 14.80 -10.38 -2.85
C THR A 541 14.34 -11.72 -2.30
N THR A 542 15.14 -12.29 -1.41
CA THR A 542 14.74 -13.50 -0.70
C THR A 542 14.07 -13.14 0.62
N ASN A 543 14.47 -12.01 1.20
CA ASN A 543 13.98 -11.65 2.52
C ASN A 543 13.51 -10.20 2.63
N GLY A 544 13.22 -9.56 1.51
CA GLY A 544 12.89 -8.13 1.52
C GLY A 544 11.45 -7.83 1.93
N TRP A 545 11.05 -8.35 3.08
CA TRP A 545 9.68 -8.21 3.59
C TRP A 545 9.37 -6.86 4.23
N VAL A 546 8.18 -6.34 3.93
CA VAL A 546 7.68 -5.08 4.49
C VAL A 546 6.26 -5.32 5.01
N GLN A 547 5.95 -4.80 6.18
CA GLN A 547 4.62 -4.98 6.75
C GLN A 547 3.56 -4.25 5.89
N SER A 548 2.51 -4.97 5.52
CA SER A 548 1.44 -4.37 4.74
C SER A 548 0.26 -4.08 5.65
N TYR A 549 -0.13 -5.06 6.45
CA TYR A 549 -1.22 -4.84 7.41
C TYR A 549 -1.26 -5.98 8.39
N GLY A 550 -1.29 -5.64 9.68
CA GLY A 550 -1.26 -6.67 10.71
C GLY A 550 -0.10 -7.61 10.47
N SER A 551 -0.39 -8.91 10.44
CA SER A 551 0.65 -9.89 10.19
C SER A 551 0.85 -10.23 8.71
N ARG A 552 0.16 -9.52 7.82
CA ARG A 552 0.35 -9.73 6.39
C ARG A 552 1.48 -8.86 5.85
N TYR A 553 2.54 -9.49 5.35
CA TYR A 553 3.69 -8.77 4.81
C TYR A 553 3.78 -8.96 3.29
N VAL A 554 4.45 -8.04 2.60
CA VAL A 554 4.71 -8.20 1.18
C VAL A 554 6.21 -8.16 0.94
N ARG A 555 6.66 -8.81 -0.13
CA ARG A 555 8.05 -8.77 -0.50
C ARG A 555 8.12 -8.17 -1.89
N PRO A 556 8.09 -6.83 -1.99
CA PRO A 556 7.94 -6.21 -3.32
C PRO A 556 9.10 -6.48 -4.25
N PRO A 557 8.80 -6.65 -5.55
CA PRO A 557 9.84 -6.67 -6.59
C PRO A 557 10.56 -5.32 -6.60
N ILE A 558 11.78 -5.27 -7.12
CA ILE A 558 12.46 -3.99 -7.28
C ILE A 558 12.72 -3.70 -8.74
N ILE A 559 12.24 -2.56 -9.22
CA ILE A 559 12.57 -2.13 -10.57
C ILE A 559 13.97 -1.54 -10.52
N VAL A 560 14.90 -2.15 -11.22
CA VAL A 560 16.29 -1.68 -11.21
C VAL A 560 16.74 -1.00 -12.51
N GLY A 561 15.97 -1.17 -13.59
CA GLY A 561 16.39 -0.68 -14.90
C GLY A 561 15.27 -0.69 -15.93
N ASP A 562 15.58 -0.33 -17.18
CA ASP A 562 14.56 -0.26 -18.21
C ASP A 562 13.82 -1.60 -18.39
N VAL A 563 12.50 -1.52 -18.38
CA VAL A 563 11.64 -2.69 -18.41
C VAL A 563 11.21 -3.05 -19.83
N SER A 564 11.30 -4.34 -20.15
CA SER A 564 10.74 -4.89 -21.38
C SER A 564 10.28 -6.33 -21.12
N ARG A 565 9.50 -6.88 -22.04
CA ARG A 565 8.95 -8.23 -21.91
C ARG A 565 9.46 -9.13 -23.03
N PRO A 566 10.42 -10.00 -22.74
CA PRO A 566 11.05 -10.88 -23.74
C PRO A 566 10.03 -11.73 -24.49
N LYS A 567 9.16 -12.42 -23.76
CA LYS A 567 8.23 -13.35 -24.41
C LYS A 567 6.89 -13.45 -23.69
N ALA A 568 5.96 -14.23 -24.27
CA ALA A 568 4.63 -14.39 -23.71
C ALA A 568 4.67 -14.80 -22.24
N MET A 569 3.84 -14.15 -21.43
CA MET A 569 3.82 -14.38 -19.98
C MET A 569 2.63 -15.22 -19.51
N THR A 570 1.51 -15.16 -20.22
CA THR A 570 0.28 -15.78 -19.76
C THR A 570 -0.47 -16.52 -20.85
N VAL A 571 0.06 -16.46 -22.08
CA VAL A 571 -0.66 -16.97 -23.24
C VAL A 571 -0.93 -18.49 -23.15
N LYS A 572 0.10 -19.25 -22.80
CA LYS A 572 0.01 -20.72 -22.79
C LYS A 572 -1.21 -21.22 -22.01
N GLU A 573 -1.37 -20.79 -20.77
CA GLU A 573 -2.49 -21.26 -19.96
C GLU A 573 -3.84 -20.76 -20.49
N SER A 574 -3.91 -19.50 -20.94
CA SER A 574 -5.13 -18.98 -21.54
C SER A 574 -5.50 -19.73 -22.82
N VAL A 575 -4.50 -20.06 -23.64
CA VAL A 575 -4.77 -20.77 -24.88
C VAL A 575 -5.35 -22.15 -24.59
N TYR A 576 -4.73 -22.88 -23.66
CA TYR A 576 -5.26 -24.17 -23.26
C TYR A 576 -6.69 -24.04 -22.75
N ALA A 577 -6.96 -23.03 -21.93
CA ALA A 577 -8.30 -22.85 -21.35
C ALA A 577 -9.34 -22.61 -22.46
N GLN A 578 -8.97 -21.80 -23.44
CA GLN A 578 -9.88 -21.49 -24.54
C GLN A 578 -10.07 -22.70 -25.46
N SER A 579 -9.07 -23.58 -25.52
CA SER A 579 -9.15 -24.76 -26.43
C SER A 579 -10.17 -25.81 -25.98
N ILE A 580 -10.58 -25.77 -24.72
CA ILE A 580 -11.51 -26.79 -24.21
C ILE A 580 -12.94 -26.29 -24.04
N THR A 581 -13.23 -25.10 -24.57
CA THR A 581 -14.60 -24.57 -24.54
C THR A 581 -14.87 -23.70 -25.76
N SER A 582 -16.13 -23.64 -26.19
CA SER A 582 -16.50 -22.74 -27.26
C SER A 582 -16.90 -21.36 -26.73
N LYS A 583 -17.05 -21.24 -25.41
CA LYS A 583 -17.35 -19.96 -24.80
C LYS A 583 -16.10 -19.09 -24.81
N PRO A 584 -16.28 -17.76 -24.94
CA PRO A 584 -15.13 -16.85 -24.89
C PRO A 584 -14.41 -16.93 -23.54
N MET A 585 -13.09 -17.05 -23.60
CA MET A 585 -12.25 -17.13 -22.43
C MET A 585 -11.55 -15.79 -22.21
N LYS A 586 -11.60 -15.29 -20.97
CA LYS A 586 -10.93 -14.03 -20.61
C LYS A 586 -9.45 -14.27 -20.36
N GLY A 587 -8.60 -13.55 -21.07
CA GLY A 587 -7.22 -13.41 -20.61
C GLY A 587 -7.23 -12.52 -19.37
N MET A 588 -6.19 -12.60 -18.55
CA MET A 588 -6.14 -11.89 -17.27
C MET A 588 -4.76 -11.29 -17.06
N LEU A 589 -4.70 -9.96 -16.92
CA LEU A 589 -3.44 -9.26 -16.71
C LEU A 589 -3.57 -8.21 -15.62
N THR A 590 -2.44 -7.86 -15.01
CA THR A 590 -2.37 -6.73 -14.10
C THR A 590 -1.81 -5.56 -14.88
N GLY A 591 -2.34 -4.37 -14.62
CA GLY A 591 -1.99 -3.19 -15.39
C GLY A 591 -0.65 -2.59 -14.98
N PRO A 592 -0.13 -1.67 -15.80
CA PRO A 592 1.21 -1.11 -15.59
C PRO A 592 1.33 -0.30 -14.29
N VAL A 593 0.29 0.43 -13.91
CA VAL A 593 0.42 1.32 -12.75
C VAL A 593 0.46 0.51 -11.45
N THR A 594 -0.27 -0.61 -11.44
CA THR A 594 -0.29 -1.49 -10.27
C THR A 594 1.03 -2.22 -10.10
N ILE A 595 1.62 -2.68 -11.21
CA ILE A 595 2.95 -3.28 -11.13
C ILE A 595 3.97 -2.26 -10.59
N LEU A 596 3.89 -1.03 -11.07
CA LEU A 596 4.73 0.05 -10.56
C LEU A 596 4.48 0.31 -9.06
N ARG A 597 3.22 0.48 -8.67
CA ARG A 597 2.90 0.87 -7.29
C ARG A 597 3.20 -0.23 -6.27
N TRP A 598 3.18 -1.48 -6.69
CA TRP A 598 3.41 -2.57 -5.77
C TRP A 598 4.84 -3.10 -5.88
N SER A 599 5.70 -2.35 -6.54
CA SER A 599 7.13 -2.63 -6.55
C SER A 599 7.87 -1.48 -5.87
N PHE A 600 9.15 -1.66 -5.56
CA PHE A 600 9.99 -0.52 -5.22
C PHE A 600 10.47 0.09 -6.55
N PRO A 601 10.12 1.36 -6.79
CA PRO A 601 10.44 1.95 -8.10
C PRO A 601 11.88 2.45 -8.15
N ARG A 602 12.37 2.68 -9.37
CA ARG A 602 13.65 3.34 -9.54
C ARG A 602 13.53 4.73 -8.95
N ASP A 603 14.62 5.28 -8.43
CA ASP A 603 14.58 6.66 -7.96
C ASP A 603 15.27 7.62 -8.93
N ASP A 604 15.80 7.07 -10.02
CA ASP A 604 16.59 7.84 -10.98
C ASP A 604 15.81 8.23 -12.23
N VAL A 605 14.60 7.69 -12.38
CA VAL A 605 13.70 8.06 -13.47
C VAL A 605 12.30 8.19 -12.90
N SER A 606 11.43 8.96 -13.54
CA SER A 606 10.12 9.26 -12.97
C SER A 606 9.21 8.04 -12.92
N GLY A 607 8.21 8.09 -12.03
CA GLY A 607 7.15 7.10 -12.02
C GLY A 607 6.48 7.00 -13.38
N LYS A 608 6.22 8.15 -14.00
CA LYS A 608 5.56 8.16 -15.31
C LYS A 608 6.31 7.31 -16.34
N ILE A 609 7.61 7.55 -16.47
CA ILE A 609 8.40 6.82 -17.45
C ILE A 609 8.40 5.31 -17.19
N GLN A 610 8.46 4.93 -15.91
CA GLN A 610 8.41 3.52 -15.57
C GLN A 610 7.08 2.92 -15.95
N ALA A 611 6.00 3.66 -15.70
CA ALA A 611 4.65 3.21 -16.08
C ALA A 611 4.47 3.04 -17.59
N LEU A 612 5.00 3.99 -18.36
CA LEU A 612 4.90 3.89 -19.83
C LEU A 612 5.73 2.73 -20.34
N GLN A 613 6.90 2.49 -19.73
CA GLN A 613 7.71 1.34 -20.13
C GLN A 613 6.91 0.06 -19.85
N LEU A 614 6.23 0.03 -18.71
CA LEU A 614 5.40 -1.10 -18.32
C LEU A 614 4.21 -1.26 -19.28
N GLY A 615 3.56 -0.15 -19.62
CA GLY A 615 2.50 -0.16 -20.61
C GLY A 615 2.94 -0.74 -21.94
N LEU A 616 4.14 -0.41 -22.40
CA LEU A 616 4.64 -0.96 -23.66
C LEU A 616 4.93 -2.46 -23.53
N ALA A 617 5.50 -2.86 -22.40
CA ALA A 617 5.77 -4.28 -22.18
C ALA A 617 4.47 -5.08 -22.18
N LEU A 618 3.45 -4.55 -21.53
CA LEU A 618 2.15 -5.22 -21.45
C LEU A 618 1.38 -5.18 -22.78
N ARG A 619 1.64 -4.16 -23.59
CA ARG A 619 1.00 -4.09 -24.90
C ARG A 619 1.36 -5.32 -25.74
N ASP A 620 2.62 -5.73 -25.67
CA ASP A 620 3.10 -6.93 -26.35
C ASP A 620 2.36 -8.18 -25.89
N GLU A 621 2.06 -8.25 -24.59
CA GLU A 621 1.34 -9.39 -24.03
C GLU A 621 -0.13 -9.41 -24.48
N VAL A 622 -0.80 -8.27 -24.41
CA VAL A 622 -2.17 -8.14 -24.91
C VAL A 622 -2.21 -8.54 -26.38
N ASN A 623 -1.25 -8.04 -27.15
CA ASN A 623 -1.20 -8.34 -28.58
C ASN A 623 -1.00 -9.84 -28.84
N ASP A 624 -0.13 -10.47 -28.05
CA ASP A 624 0.12 -11.90 -28.16
C ASP A 624 -1.12 -12.73 -27.80
N LEU A 625 -1.80 -12.32 -26.74
CA LEU A 625 -3.06 -12.95 -26.36
C LEU A 625 -4.08 -12.89 -27.49
N GLU A 626 -4.21 -11.71 -28.09
CA GLU A 626 -5.17 -11.56 -29.17
C GLU A 626 -4.77 -12.44 -30.34
N GLY A 627 -3.48 -12.41 -30.69
CA GLY A 627 -2.97 -13.16 -31.82
C GLY A 627 -3.14 -14.66 -31.62
N ALA A 628 -3.25 -15.06 -30.37
CA ALA A 628 -3.36 -16.46 -30.01
C ALA A 628 -4.83 -16.87 -29.91
N GLY A 629 -5.73 -15.94 -30.16
CA GLY A 629 -7.14 -16.24 -30.17
C GLY A 629 -7.86 -15.90 -28.87
N ILE A 630 -7.12 -15.31 -27.93
CA ILE A 630 -7.73 -14.81 -26.69
C ILE A 630 -8.11 -13.35 -26.92
N THR A 631 -9.36 -13.12 -27.31
CA THR A 631 -9.79 -11.81 -27.77
C THR A 631 -10.73 -11.10 -26.79
N VAL A 632 -10.87 -11.68 -25.60
CA VAL A 632 -11.48 -11.00 -24.48
C VAL A 632 -10.42 -10.95 -23.39
N ILE A 633 -10.04 -9.75 -22.96
CA ILE A 633 -8.88 -9.60 -22.07
C ILE A 633 -9.14 -8.62 -20.95
N GLN A 634 -9.01 -9.10 -19.72
CA GLN A 634 -9.23 -8.28 -18.54
C GLN A 634 -7.89 -7.81 -18.00
N VAL A 635 -7.78 -6.49 -17.81
CA VAL A 635 -6.57 -5.85 -17.31
C VAL A 635 -6.97 -5.02 -16.11
N ASP A 636 -6.51 -5.42 -14.92
CA ASP A 636 -6.95 -4.78 -13.69
C ASP A 636 -5.90 -3.85 -13.10
N GLU A 637 -6.34 -2.73 -12.56
CA GLU A 637 -5.45 -1.73 -11.97
C GLU A 637 -5.87 -1.37 -10.56
N PRO A 638 -5.82 -2.35 -9.64
CA PRO A 638 -6.30 -2.09 -8.28
C PRO A 638 -5.52 -1.03 -7.51
N ALA A 639 -4.32 -0.66 -7.94
CA ALA A 639 -3.51 0.32 -7.19
C ALA A 639 -3.66 1.77 -7.64
N ILE A 640 -4.58 2.06 -8.55
CA ILE A 640 -4.66 3.43 -9.08
C ILE A 640 -4.96 4.47 -7.99
N ARG A 641 -6.02 4.26 -7.24
CA ARG A 641 -6.39 5.18 -6.16
C ARG A 641 -5.27 5.35 -5.12
N GLU A 642 -4.53 4.28 -4.86
CA GLU A 642 -3.50 4.27 -3.80
C GLU A 642 -2.31 5.17 -4.12
N GLY A 643 -2.06 5.38 -5.42
CA GLY A 643 -0.97 6.21 -5.88
C GLY A 643 -1.33 7.67 -6.18
N LEU A 644 -2.60 8.03 -6.02
CA LEU A 644 -3.03 9.42 -6.18
C LEU A 644 -2.18 10.37 -5.33
N PRO A 645 -1.52 11.34 -5.97
CA PRO A 645 -0.76 12.35 -5.22
C PRO A 645 -1.62 12.98 -4.13
N LEU A 646 -0.98 13.30 -3.01
CA LEU A 646 -1.67 13.65 -1.77
C LEU A 646 -2.44 14.98 -1.79
N ARG A 647 -2.08 15.88 -2.71
CA ARG A 647 -2.75 17.17 -2.85
C ARG A 647 -3.33 17.36 -4.25
N ALA A 648 -4.43 18.09 -4.33
CA ALA A 648 -4.97 18.50 -5.62
C ALA A 648 -3.98 19.45 -6.28
N GLY A 649 -3.96 19.45 -7.61
CA GLY A 649 -3.03 20.31 -8.34
C GLY A 649 -2.41 19.62 -9.55
N LYS A 650 -1.30 20.17 -10.02
CA LYS A 650 -0.62 19.69 -11.22
C LYS A 650 -0.14 18.25 -11.09
N GLU A 651 0.55 17.93 -10.00
CA GLU A 651 1.02 16.57 -9.84
C GLU A 651 -0.13 15.57 -9.92
N ARG A 652 -1.23 15.87 -9.23
CA ARG A 652 -2.37 14.95 -9.25
C ARG A 652 -2.96 14.79 -10.64
N SER A 653 -3.29 15.90 -11.30
CA SER A 653 -3.91 15.81 -12.62
C SER A 653 -2.99 15.16 -13.65
N ASP A 654 -1.68 15.43 -13.54
CA ASP A 654 -0.73 14.77 -14.43
C ASP A 654 -0.76 13.26 -14.18
N TYR A 655 -0.77 12.86 -12.91
CA TYR A 655 -0.81 11.45 -12.57
C TYR A 655 -2.02 10.78 -13.20
N LEU A 656 -3.20 11.36 -13.04
CA LEU A 656 -4.38 10.73 -13.59
C LEU A 656 -4.22 10.58 -15.10
N ASN A 657 -3.62 11.59 -15.73
CA ASN A 657 -3.41 11.53 -17.16
C ASN A 657 -2.44 10.43 -17.59
N TRP A 658 -1.26 10.37 -16.96
CA TRP A 658 -0.30 9.33 -17.38
C TRP A 658 -0.65 7.92 -16.93
N ALA A 659 -1.41 7.80 -15.84
CA ALA A 659 -1.88 6.49 -15.39
C ALA A 659 -2.85 5.92 -16.43
N ALA A 660 -3.79 6.74 -16.87
CA ALA A 660 -4.73 6.30 -17.91
C ALA A 660 -4.02 6.12 -19.25
N GLN A 661 -3.09 7.01 -19.57
CA GLN A 661 -2.29 6.83 -20.77
C GLN A 661 -1.55 5.48 -20.77
N SER A 662 -0.93 5.13 -19.65
CA SER A 662 -0.16 3.87 -19.60
C SER A 662 -1.07 2.66 -19.81
N PHE A 663 -2.28 2.72 -19.27
CA PHE A 663 -3.26 1.66 -19.46
C PHE A 663 -3.68 1.56 -20.93
N ARG A 664 -3.96 2.71 -21.53
CA ARG A 664 -4.36 2.76 -22.94
C ARG A 664 -3.21 2.30 -23.86
N VAL A 665 -1.97 2.64 -23.51
CA VAL A 665 -0.85 2.10 -24.27
C VAL A 665 -0.84 0.56 -24.26
N ALA A 666 -1.12 -0.05 -23.10
CA ALA A 666 -1.14 -1.52 -23.04
C ALA A 666 -2.28 -2.12 -23.86
N THR A 667 -3.39 -1.38 -23.95
CA THR A 667 -4.63 -1.98 -24.45
C THR A 667 -5.13 -1.49 -25.82
N SER A 668 -4.36 -0.65 -26.51
CA SER A 668 -4.87 -0.04 -27.75
C SER A 668 -4.32 -0.66 -29.03
N GLY A 669 -3.55 -1.74 -28.90
CA GLY A 669 -3.06 -2.40 -30.10
C GLY A 669 -4.09 -3.31 -30.77
N VAL A 670 -5.22 -3.54 -30.11
CA VAL A 670 -6.17 -4.59 -30.53
C VAL A 670 -7.18 -4.17 -31.61
N GLU A 671 -7.78 -5.16 -32.27
CA GLU A 671 -8.85 -4.95 -33.24
C GLU A 671 -10.12 -4.52 -32.51
N ASN A 672 -11.05 -3.91 -33.25
CA ASN A 672 -12.32 -3.46 -32.69
C ASN A 672 -13.13 -4.58 -32.06
N SER A 673 -13.02 -5.78 -32.62
CA SER A 673 -13.81 -6.92 -32.12
C SER A 673 -13.25 -7.49 -30.82
N THR A 674 -12.01 -7.14 -30.50
CA THR A 674 -11.40 -7.61 -29.28
C THR A 674 -11.92 -6.79 -28.10
N GLN A 675 -12.29 -7.49 -27.02
CA GLN A 675 -13.00 -6.84 -25.92
C GLN A 675 -12.12 -6.66 -24.67
N ILE A 676 -11.91 -5.39 -24.27
CA ILE A 676 -11.11 -5.07 -23.09
C ILE A 676 -11.97 -4.81 -21.86
N HIS A 677 -11.73 -5.58 -20.79
CA HIS A 677 -12.46 -5.44 -19.54
C HIS A 677 -11.52 -4.89 -18.45
N SER A 678 -12.09 -4.32 -17.40
CA SER A 678 -11.30 -3.89 -16.26
C SER A 678 -12.20 -3.90 -15.04
N HIS A 679 -11.67 -4.35 -13.91
CA HIS A 679 -12.47 -4.44 -12.69
C HIS A 679 -12.01 -3.44 -11.65
N PHE A 680 -12.95 -2.91 -10.89
CA PHE A 680 -12.66 -1.88 -9.91
C PHE A 680 -13.34 -2.19 -8.58
N CYS A 681 -12.57 -2.16 -7.49
CA CYS A 681 -13.16 -2.18 -6.15
C CYS A 681 -12.84 -0.92 -5.36
N LEU A 685 -13.70 5.71 -6.37
CA LEU A 685 -13.19 5.83 -7.73
C LEU A 685 -13.82 7.00 -8.47
N ASP A 686 -13.05 7.62 -9.36
CA ASP A 686 -13.52 8.76 -10.13
C ASP A 686 -13.98 8.36 -11.52
N PRO A 687 -15.30 8.37 -11.75
CA PRO A 687 -15.91 7.99 -13.03
C PRO A 687 -15.19 8.60 -14.22
N ASN A 688 -14.74 9.84 -14.08
CA ASN A 688 -14.05 10.53 -15.16
C ASN A 688 -12.76 9.83 -15.56
N HIS A 689 -12.03 9.31 -14.58
CA HIS A 689 -10.80 8.58 -14.87
C HIS A 689 -11.09 7.18 -15.40
N ILE A 690 -12.13 6.55 -14.87
CA ILE A 690 -12.55 5.27 -15.37
C ILE A 690 -12.86 5.42 -16.87
N LYS A 691 -13.65 6.42 -17.19
CA LYS A 691 -14.02 6.69 -18.58
C LYS A 691 -12.78 6.91 -19.44
N ALA A 692 -11.75 7.52 -18.86
CA ALA A 692 -10.52 7.81 -19.59
C ALA A 692 -9.79 6.55 -20.09
N LEU A 693 -10.06 5.41 -19.47
CA LEU A 693 -9.40 4.16 -19.90
C LEU A 693 -10.04 3.60 -21.15
N ASP A 694 -11.31 3.96 -21.40
CA ASP A 694 -12.06 3.53 -22.57
C ASP A 694 -12.16 2.00 -22.69
N ALA A 695 -12.22 1.33 -21.54
CA ALA A 695 -12.42 -0.11 -21.52
C ALA A 695 -13.81 -0.43 -22.11
N ASP A 696 -13.94 -1.55 -22.80
CA ASP A 696 -15.22 -1.96 -23.37
C ASP A 696 -16.22 -2.32 -22.27
N VAL A 697 -15.71 -2.95 -21.21
CA VAL A 697 -16.54 -3.38 -20.10
C VAL A 697 -15.80 -3.11 -18.81
N VAL A 698 -16.46 -2.48 -17.85
CA VAL A 698 -15.85 -2.29 -16.54
C VAL A 698 -16.73 -2.82 -15.41
N SER A 699 -16.22 -3.77 -14.64
CA SER A 699 -16.96 -4.29 -13.51
C SER A 699 -16.67 -3.45 -12.28
N ILE A 700 -17.73 -3.01 -11.60
CA ILE A 700 -17.60 -2.18 -10.40
C ILE A 700 -18.48 -2.72 -9.28
N GLU A 701 -18.25 -2.24 -8.07
CA GLU A 701 -18.98 -2.75 -6.91
C GLU A 701 -20.02 -1.75 -6.39
N ILE A 711 -23.51 6.19 -10.62
CA ILE A 711 -24.00 5.69 -11.90
C ILE A 711 -24.57 6.82 -12.74
N GLN A 712 -24.93 7.92 -12.08
CA GLN A 712 -25.50 9.08 -12.76
C GLN A 712 -24.57 9.57 -13.87
N GLU A 713 -23.29 9.70 -13.55
CA GLU A 713 -22.30 10.18 -14.51
C GLU A 713 -22.10 9.18 -15.65
N PHE A 714 -22.44 7.93 -15.39
CA PHE A 714 -22.29 6.88 -16.39
C PHE A 714 -23.48 6.83 -17.34
N SER A 715 -24.44 7.71 -17.12
CA SER A 715 -25.64 7.77 -17.96
C SER A 715 -25.30 8.22 -19.38
N GLU A 716 -24.44 9.22 -19.49
CA GLU A 716 -23.95 9.69 -20.78
C GLU A 716 -22.63 8.99 -21.11
N TYR A 717 -22.64 7.66 -21.02
CA TYR A 717 -21.44 6.87 -21.30
C TYR A 717 -21.80 5.56 -22.00
N PRO A 718 -21.36 5.41 -23.25
CA PRO A 718 -21.71 4.25 -24.07
C PRO A 718 -21.19 2.94 -23.49
N ASN A 719 -19.88 2.89 -23.23
CA ASN A 719 -19.24 1.65 -22.83
C ASN A 719 -20.00 0.98 -21.69
N HIS A 720 -19.88 -0.34 -21.60
CA HIS A 720 -20.73 -1.13 -20.71
C HIS A 720 -20.18 -1.31 -19.31
N ILE A 721 -21.07 -1.55 -18.36
CA ILE A 721 -20.70 -1.72 -16.96
C ILE A 721 -21.24 -3.04 -16.41
N GLY A 722 -20.42 -3.73 -15.63
CA GLY A 722 -20.88 -4.89 -14.89
C GLY A 722 -21.07 -4.54 -13.43
N LEU A 723 -22.32 -4.58 -12.97
CA LEU A 723 -22.62 -4.31 -11.57
C LEU A 723 -22.57 -5.61 -10.77
N GLY A 724 -21.88 -5.57 -9.63
CA GLY A 724 -21.71 -6.75 -8.81
C GLY A 724 -22.68 -6.81 -7.64
N ARG A 732 -26.39 -14.69 3.90
CA ARG A 732 -25.53 -14.03 2.91
C ARG A 732 -25.76 -14.60 1.52
N ILE A 733 -26.09 -15.88 1.44
CA ILE A 733 -26.29 -16.56 0.16
C ILE A 733 -27.45 -15.96 -0.63
N PRO A 734 -27.13 -15.28 -1.74
CA PRO A 734 -28.12 -14.59 -2.57
C PRO A 734 -29.05 -15.56 -3.29
N SER A 735 -30.32 -15.21 -3.41
CA SER A 735 -31.29 -16.04 -4.09
C SER A 735 -31.64 -15.42 -5.44
N LYS A 736 -32.26 -16.22 -6.32
CA LYS A 736 -32.66 -15.75 -7.64
C LYS A 736 -33.57 -14.52 -7.54
N GLN A 737 -34.47 -14.54 -6.57
CA GLN A 737 -35.35 -13.40 -6.33
C GLN A 737 -34.55 -12.25 -5.69
N GLU A 738 -33.65 -12.61 -4.79
CA GLU A 738 -32.76 -11.63 -4.16
C GLU A 738 -31.93 -10.93 -5.22
N PHE A 739 -31.63 -11.64 -6.29
CA PHE A 739 -30.91 -11.08 -7.43
C PHE A 739 -31.84 -10.25 -8.30
N VAL A 740 -33.06 -10.75 -8.50
CA VAL A 740 -34.03 -10.12 -9.38
C VAL A 740 -34.41 -8.70 -8.96
N SER A 741 -34.35 -8.44 -7.66
CA SER A 741 -34.70 -7.12 -7.14
C SER A 741 -33.61 -6.10 -7.46
N ARG A 742 -32.35 -6.50 -7.25
CA ARG A 742 -31.22 -5.63 -7.50
C ARG A 742 -31.22 -5.09 -8.94
N ILE A 743 -31.30 -6.00 -9.90
CA ILE A 743 -31.26 -5.62 -11.32
C ILE A 743 -32.41 -4.70 -11.70
N GLU A 744 -33.61 -5.03 -11.20
CA GLU A 744 -34.80 -4.24 -11.49
C GLU A 744 -34.61 -2.78 -11.10
N GLU A 745 -33.97 -2.56 -9.96
CA GLU A 745 -33.74 -1.20 -9.45
C GLU A 745 -32.77 -0.43 -10.34
N ILE A 746 -31.66 -1.07 -10.69
CA ILE A 746 -30.66 -0.44 -11.54
C ILE A 746 -31.20 -0.21 -12.96
N LEU A 747 -32.21 -0.99 -13.33
CA LEU A 747 -32.83 -0.86 -14.64
C LEU A 747 -33.59 0.47 -14.78
N LYS A 748 -33.92 1.08 -13.64
CA LYS A 748 -34.58 2.38 -13.66
C LYS A 748 -33.63 3.49 -14.10
N VAL A 749 -32.33 3.26 -13.89
CA VAL A 749 -31.31 4.23 -14.26
C VAL A 749 -30.63 3.86 -15.58
N TYR A 750 -29.73 2.88 -15.54
CA TYR A 750 -29.00 2.45 -16.73
C TYR A 750 -29.83 1.53 -17.61
N PRO A 751 -29.63 1.63 -18.94
CA PRO A 751 -30.31 0.77 -19.92
C PRO A 751 -29.84 -0.69 -19.83
N ALA A 752 -30.77 -1.62 -20.06
CA ALA A 752 -30.46 -3.04 -19.99
C ALA A 752 -29.35 -3.44 -20.96
N SER A 753 -29.23 -2.69 -22.05
CA SER A 753 -28.27 -3.00 -23.10
C SER A 753 -26.82 -2.79 -22.68
N LYS A 754 -26.60 -2.16 -21.54
CA LYS A 754 -25.23 -1.83 -21.12
C LYS A 754 -24.78 -2.67 -19.93
N PHE A 755 -25.67 -3.54 -19.45
CA PHE A 755 -25.47 -4.25 -18.18
C PHE A 755 -24.92 -5.67 -18.29
N TRP A 756 -23.73 -5.89 -17.75
CA TRP A 756 -23.21 -7.24 -17.53
C TRP A 756 -23.54 -7.65 -16.09
N VAL A 757 -23.66 -8.95 -15.83
CA VAL A 757 -23.90 -9.41 -14.47
C VAL A 757 -22.75 -10.27 -13.94
N ASN A 758 -22.21 -9.86 -12.80
CA ASN A 758 -21.11 -10.57 -12.14
C ASN A 758 -21.11 -10.31 -10.63
N PRO A 759 -20.35 -11.12 -9.89
CA PRO A 759 -20.20 -10.92 -8.44
C PRO A 759 -19.42 -9.64 -8.13
N ASP A 760 -19.27 -9.31 -6.84
CA ASP A 760 -18.59 -8.08 -6.41
C ASP A 760 -17.10 -8.07 -6.77
N CYS A 761 -16.38 -9.11 -6.34
CA CYS A 761 -14.98 -9.28 -6.72
C CYS A 761 -14.67 -10.77 -6.82
N GLY A 762 -13.39 -11.10 -6.88
CA GLY A 762 -12.96 -12.49 -6.91
C GLY A 762 -13.26 -13.20 -5.61
N ARG A 766 -14.67 -17.67 -0.21
CA ARG A 766 -15.83 -18.53 -0.03
C ARG A 766 -15.54 -19.97 -0.48
N GLY A 767 -16.45 -20.89 -0.14
CA GLY A 767 -16.25 -22.29 -0.45
C GLY A 767 -16.99 -22.77 -1.68
N TRP A 768 -16.64 -23.98 -2.14
CA TRP A 768 -17.22 -24.53 -3.36
C TRP A 768 -18.75 -24.68 -3.36
N PRO A 769 -19.32 -25.15 -2.24
CA PRO A 769 -20.78 -25.33 -2.25
C PRO A 769 -21.50 -24.00 -2.42
N GLU A 770 -21.02 -22.95 -1.74
CA GLU A 770 -21.66 -21.65 -1.81
C GLU A 770 -21.35 -20.95 -3.13
N VAL A 771 -20.14 -21.15 -3.65
CA VAL A 771 -19.74 -20.56 -4.92
C VAL A 771 -20.55 -21.13 -6.08
N LYS A 772 -21.02 -22.37 -5.93
CA LYS A 772 -21.85 -23.01 -6.93
C LYS A 772 -23.27 -22.45 -6.93
N GLU A 773 -23.96 -22.62 -5.81
CA GLU A 773 -25.34 -22.15 -5.68
C GLU A 773 -25.44 -20.65 -5.95
N SER A 774 -24.48 -19.89 -5.44
CA SER A 774 -24.46 -18.46 -5.64
C SER A 774 -24.41 -18.12 -7.13
N LEU A 775 -23.38 -18.60 -7.81
CA LEU A 775 -23.23 -18.40 -9.25
C LEU A 775 -24.42 -18.94 -10.02
N THR A 776 -24.94 -20.09 -9.59
CA THR A 776 -26.09 -20.69 -10.25
C THR A 776 -27.32 -19.82 -10.03
N ASN A 777 -27.40 -19.20 -8.86
CA ASN A 777 -28.49 -18.29 -8.55
C ASN A 777 -28.38 -17.01 -9.37
N MET A 778 -27.16 -16.53 -9.53
CA MET A 778 -26.91 -15.32 -10.32
C MET A 778 -27.33 -15.51 -11.78
N VAL A 779 -26.91 -16.63 -12.36
CA VAL A 779 -27.16 -16.90 -13.77
C VAL A 779 -28.64 -17.20 -14.02
N GLU A 780 -29.25 -18.00 -13.15
CA GLU A 780 -30.67 -18.28 -13.26
C GLU A 780 -31.43 -16.96 -13.20
N ALA A 781 -30.98 -16.06 -12.32
CA ALA A 781 -31.58 -14.75 -12.20
C ALA A 781 -31.43 -13.95 -13.50
N ALA A 782 -30.22 -13.88 -14.02
CA ALA A 782 -29.95 -13.16 -15.27
C ALA A 782 -30.82 -13.66 -16.42
N LYS A 783 -30.95 -14.98 -16.51
CA LYS A 783 -31.79 -15.58 -17.55
C LYS A 783 -33.23 -15.12 -17.42
N GLU A 784 -33.66 -14.84 -16.20
CA GLU A 784 -35.04 -14.45 -15.95
C GLU A 784 -35.32 -13.07 -16.52
N PHE A 785 -34.30 -12.23 -16.56
CA PHE A 785 -34.42 -10.92 -17.18
C PHE A 785 -34.30 -11.01 -18.70
N ARG A 786 -33.76 -12.12 -19.20
CA ARG A 786 -33.64 -12.35 -20.63
C ARG A 786 -34.99 -12.76 -21.21
N ALA A 787 -35.79 -13.44 -20.39
CA ALA A 787 -37.12 -13.88 -20.82
C ALA A 787 -38.01 -12.69 -21.12
N LYS A 788 -37.82 -11.61 -20.36
CA LYS A 788 -38.60 -10.40 -20.55
C LYS A 788 -38.11 -9.61 -21.77
N TYR A 789 -37.42 -10.30 -22.68
CA TYR A 789 -36.92 -9.70 -23.91
C TYR A 789 -36.92 -10.70 -25.04
ZN ZN B . -13.14 -6.07 -6.30
#